data_5QA4
#
_entry.id   5QA4
#
_cell.length_a   89.099
_cell.length_b   108.936
_cell.length_c   124.908
_cell.angle_alpha   90.000
_cell.angle_beta   90.000
_cell.angle_gamma   90.000
#
_symmetry.space_group_name_H-M   'P 21 21 21'
#
loop_
_entity.id
_entity.type
_entity.pdbx_description
1 polymer Beta-lactamase
2 non-polymer '3-(2-methylphenyl)benzoic acid'
3 non-polymer 'CHLORIDE ION'
4 non-polymer 1,2-ETHANEDIOL
5 water water
#
_entity_poly.entity_id   1
_entity_poly.type   'polypeptide(L)'
_entity_poly.pdbx_seq_one_letter_code
;KEWQENKSWNAHFTEHKSQGVVVLWNENKQQGFTNNLKRANQAFLPASTF(KCX)IPNSLIALDLGVVKDEHQVFKWDGQ
TRDIATWNRDHNLITAMKYSVVPVYQEFARQIGEARMSKMLHAFDYGNEDISGNVDSFWLDGGIRISATEQISFLRKLYH
NKLHVSERSQRIVKQAMLTEANGDYIIRAKTGYSTRIEPKIGWWVGWVELDDNVWFFAMNMDMPTSDGLGLRQAITKEVL
KQEKIIP
;
_entity_poly.pdbx_strand_id   A,B,C,D
#
loop_
_chem_comp.id
_chem_comp.type
_chem_comp.name
_chem_comp.formula
CL non-polymer 'CHLORIDE ION' 'Cl -1'
EDO non-polymer 1,2-ETHANEDIOL 'C2 H6 O2'
TI7 non-polymer '3-(2-methylphenyl)benzoic acid' 'C14 H12 O2'
#
# COMPACT_ATOMS: atom_id res chain seq x y z
N GLU A 2 13.37 -53.31 -3.19
CA GLU A 2 13.26 -52.11 -4.00
C GLU A 2 12.87 -50.90 -3.17
N TRP A 3 11.92 -51.08 -2.27
CA TRP A 3 11.46 -49.99 -1.42
C TRP A 3 11.68 -50.35 0.03
N GLN A 4 12.21 -49.41 0.79
CA GLN A 4 12.45 -49.60 2.21
C GLN A 4 11.81 -48.47 3.00
N GLU A 5 11.14 -48.83 4.09
CA GLU A 5 10.50 -47.88 4.99
C GLU A 5 11.31 -47.76 6.27
N ASN A 6 11.68 -46.54 6.63
CA ASN A 6 12.42 -46.26 7.87
C ASN A 6 11.58 -45.33 8.74
N LYS A 7 10.76 -45.89 9.64
CA LYS A 7 9.87 -45.03 10.42
C LYS A 7 10.61 -44.14 11.41
N SER A 8 11.87 -44.43 11.70
CA SER A 8 12.62 -43.59 12.63
C SER A 8 12.83 -42.20 12.08
N TRP A 9 12.83 -42.04 10.75
CA TRP A 9 12.96 -40.72 10.15
C TRP A 9 11.81 -39.80 10.49
N ASN A 10 10.70 -40.33 11.01
CA ASN A 10 9.59 -39.48 11.43
C ASN A 10 10.03 -38.42 12.41
N ALA A 11 11.09 -38.71 13.18
CA ALA A 11 11.60 -37.74 14.15
C ALA A 11 11.99 -36.43 13.49
N HIS A 12 12.42 -36.46 12.22
CA HIS A 12 12.75 -35.20 11.56
C HIS A 12 11.55 -34.27 11.52
N PHE A 13 10.35 -34.83 11.41
CA PHE A 13 9.13 -34.01 11.36
C PHE A 13 8.55 -33.76 12.75
N THR A 14 8.41 -34.80 13.56
CA THR A 14 7.75 -34.65 14.86
C THR A 14 8.54 -33.75 15.80
N GLU A 15 9.86 -33.68 15.65
CA GLU A 15 10.63 -32.75 16.47
C GLU A 15 10.32 -31.29 16.14
N HIS A 16 9.64 -31.03 15.02
CA HIS A 16 9.11 -29.71 14.70
C HIS A 16 7.59 -29.64 14.83
N LYS A 17 7.00 -30.50 15.65
CA LYS A 17 5.56 -30.52 15.84
C LYS A 17 4.85 -30.58 14.49
N SER A 18 5.41 -31.35 13.56
CA SER A 18 4.84 -31.49 12.23
C SER A 18 4.72 -32.97 11.89
N GLN A 19 4.27 -33.24 10.65
CA GLN A 19 4.17 -34.56 10.05
C GLN A 19 4.42 -34.40 8.56
N GLY A 20 5.02 -35.42 7.95
CA GLY A 20 5.33 -35.34 6.53
C GLY A 20 5.95 -36.63 6.03
N VAL A 21 6.40 -36.59 4.78
CA VAL A 21 7.05 -37.72 4.14
C VAL A 21 8.24 -37.22 3.35
N VAL A 22 9.33 -37.97 3.41
CA VAL A 22 10.45 -37.81 2.50
C VAL A 22 10.59 -39.10 1.71
N VAL A 23 10.79 -38.95 0.40
CA VAL A 23 11.05 -40.08 -0.49
C VAL A 23 12.38 -39.83 -1.18
N LEU A 24 13.28 -40.81 -1.09
CA LEU A 24 14.58 -40.75 -1.75
C LEU A 24 14.71 -41.89 -2.75
N TRP A 25 15.38 -41.64 -3.87
CA TRP A 25 15.60 -42.66 -4.90
C TRP A 25 17.06 -42.63 -5.34
N ASN A 26 17.74 -43.77 -5.16
CA ASN A 26 19.15 -43.95 -5.52
C ASN A 26 19.21 -44.41 -6.97
N GLU A 27 19.63 -43.54 -7.87
CA GLU A 27 19.54 -43.87 -9.29
C GLU A 27 20.47 -45.04 -9.65
N ASN A 28 21.72 -45.02 -9.16
CA ASN A 28 22.65 -46.12 -9.46
C ASN A 28 22.08 -47.47 -9.00
N LYS A 29 21.57 -47.52 -7.77
CA LYS A 29 21.12 -48.79 -7.21
C LYS A 29 19.66 -49.09 -7.52
N GLN A 30 18.90 -48.12 -8.03
CA GLN A 30 17.47 -48.31 -8.31
C GLN A 30 16.71 -48.78 -7.07
N GLN A 31 16.93 -48.08 -5.97
CA GLN A 31 16.29 -48.39 -4.70
C GLN A 31 15.71 -47.11 -4.12
N GLY A 32 14.56 -47.24 -3.48
CA GLY A 32 13.87 -46.12 -2.87
C GLY A 32 13.78 -46.26 -1.36
N PHE A 33 13.64 -45.12 -0.67
CA PHE A 33 13.61 -45.05 0.78
C PHE A 33 12.59 -44.00 1.20
N THR A 34 11.80 -44.31 2.22
CA THR A 34 10.85 -43.34 2.74
C THR A 34 10.55 -43.63 4.20
N ASN A 35 10.08 -42.61 4.91
CA ASN A 35 9.61 -42.81 6.28
C ASN A 35 8.19 -43.29 6.35
N ASN A 36 7.40 -43.18 5.28
CA ASN A 36 5.98 -43.45 5.38
C ASN A 36 5.47 -43.85 3.98
N LEU A 37 5.38 -45.14 3.75
CA LEU A 37 4.96 -45.64 2.43
C LEU A 37 3.56 -45.16 2.07
N LYS A 38 2.66 -45.10 3.04
CA LYS A 38 1.32 -44.64 2.75
C LYS A 38 1.32 -43.18 2.28
N ARG A 39 1.87 -42.28 3.07
CA ARG A 39 1.84 -40.88 2.66
C ARG A 39 2.68 -40.66 1.40
N ALA A 40 3.69 -41.50 1.16
CA ALA A 40 4.46 -41.40 -0.07
C ALA A 40 3.60 -41.60 -1.32
N ASN A 41 2.48 -42.30 -1.18
CA ASN A 41 1.59 -42.55 -2.31
C ASN A 41 0.27 -41.80 -2.22
N GLN A 42 0.10 -40.93 -1.24
CA GLN A 42 -1.08 -40.09 -1.18
C GLN A 42 -0.90 -38.86 -2.06
N ALA A 43 -1.99 -38.50 -2.75
CA ALA A 43 -1.94 -37.48 -3.79
C ALA A 43 -2.39 -36.11 -3.28
N PHE A 44 -1.56 -35.10 -3.51
CA PHE A 44 -1.87 -33.75 -3.08
C PHE A 44 -1.85 -32.81 -4.28
N LEU A 45 -2.43 -31.63 -4.10
CA LEU A 45 -2.23 -30.57 -5.08
C LEU A 45 -0.75 -30.33 -5.29
N PRO A 46 -0.28 -30.19 -6.52
CA PRO A 46 1.15 -29.91 -6.74
C PRO A 46 1.54 -28.49 -6.41
N ALA A 47 0.59 -27.55 -6.46
CA ALA A 47 0.88 -26.13 -6.25
C ALA A 47 2.08 -25.74 -7.10
N SER A 48 3.04 -24.99 -6.54
CA SER A 48 4.08 -24.45 -7.40
C SER A 48 5.08 -25.49 -7.89
N THR A 49 5.03 -26.74 -7.44
CA THR A 49 5.86 -27.73 -8.12
C THR A 49 5.39 -27.94 -9.55
N PHE A 50 4.18 -27.51 -9.86
CA PHE A 50 3.62 -27.61 -11.20
C PHE A 50 4.33 -26.68 -12.17
N KCX A 51 5.10 -25.73 -11.64
CA KCX A 51 5.85 -24.84 -12.52
CB KCX A 51 6.51 -23.71 -11.70
CG KCX A 51 5.46 -22.72 -11.14
CD KCX A 51 6.08 -21.50 -10.48
CE KCX A 51 5.04 -20.48 -10.03
NZ KCX A 51 4.12 -21.05 -9.02
C KCX A 51 6.88 -25.61 -13.35
O KCX A 51 7.34 -25.14 -14.38
CX KCX A 51 2.87 -21.44 -9.32
OQ1 KCX A 51 2.15 -21.92 -8.41
OQ2 KCX A 51 2.43 -21.32 -10.47
H KCX A 51 5.20 -25.58 -10.80
HA KCX A 51 5.22 -24.41 -13.15
HB2 KCX A 51 7.12 -23.22 -12.27
HG2 KCX A 51 4.92 -23.17 -10.47
HD2 KCX A 51 6.59 -21.78 -9.70
HE2 KCX A 51 4.52 -20.20 -10.80
N ILE A 52 7.20 -26.85 -12.95
CA ILE A 52 8.15 -27.66 -13.74
C ILE A 52 7.46 -28.12 -15.04
N PRO A 53 6.36 -28.86 -14.97
CA PRO A 53 5.69 -29.22 -16.22
C PRO A 53 5.17 -28.02 -16.99
N ASN A 54 4.66 -27.02 -16.28
CA ASN A 54 4.12 -25.84 -16.97
C ASN A 54 5.20 -25.17 -17.81
N SER A 55 6.41 -25.03 -17.25
CA SER A 55 7.54 -24.46 -18.01
C SER A 55 7.86 -25.30 -19.23
N LEU A 56 7.94 -26.62 -19.06
CA LEU A 56 8.25 -27.51 -20.17
C LEU A 56 7.26 -27.34 -21.30
N ILE A 57 5.97 -27.25 -20.97
CA ILE A 57 4.95 -27.16 -22.00
C ILE A 57 5.03 -25.82 -22.71
N ALA A 58 5.19 -24.74 -21.93
CA ALA A 58 5.26 -23.40 -22.50
C ALA A 58 6.43 -23.29 -23.46
N LEU A 59 7.59 -23.82 -23.09
CA LEU A 59 8.77 -23.78 -23.94
C LEU A 59 8.57 -24.60 -25.21
N ASP A 60 8.02 -25.81 -25.08
CA ASP A 60 7.96 -26.67 -26.24
C ASP A 60 6.94 -26.15 -27.25
N LEU A 61 5.92 -25.45 -26.77
CA LEU A 61 4.91 -24.88 -27.66
C LEU A 61 5.28 -23.51 -28.18
N GLY A 62 6.37 -22.92 -27.73
CA GLY A 62 6.72 -21.59 -28.17
C GLY A 62 6.01 -20.47 -27.42
N VAL A 63 5.20 -20.78 -26.41
CA VAL A 63 4.63 -19.75 -25.57
C VAL A 63 5.74 -18.94 -24.91
N VAL A 64 6.81 -19.60 -24.48
CA VAL A 64 8.01 -18.96 -23.97
C VAL A 64 9.12 -19.25 -24.98
N LYS A 65 9.81 -18.19 -25.42
CA LYS A 65 10.85 -18.33 -26.44
C LYS A 65 12.13 -18.94 -25.84
N ASP A 66 12.59 -18.42 -24.71
CA ASP A 66 13.80 -18.90 -24.06
C ASP A 66 13.84 -18.32 -22.65
N GLU A 67 14.91 -18.65 -21.92
CA GLU A 67 15.00 -18.28 -20.51
C GLU A 67 15.32 -16.81 -20.30
N HIS A 68 15.51 -16.04 -21.39
CA HIS A 68 15.77 -14.61 -21.30
C HIS A 68 14.55 -13.75 -21.59
N GLN A 69 13.54 -14.31 -22.23
CA GLN A 69 12.35 -13.54 -22.56
C GLN A 69 11.77 -12.92 -21.30
N VAL A 70 11.42 -11.63 -21.38
CA VAL A 70 10.95 -10.87 -20.23
C VAL A 70 9.44 -10.86 -20.19
N PHE A 71 8.88 -11.25 -19.06
CA PHE A 71 7.44 -11.21 -18.83
C PHE A 71 7.17 -9.98 -17.98
N LYS A 72 6.61 -8.96 -18.61
CA LYS A 72 6.47 -7.68 -17.95
C LYS A 72 5.44 -7.77 -16.82
N TRP A 73 5.74 -7.13 -15.69
CA TRP A 73 4.75 -7.01 -14.62
C TRP A 73 3.49 -6.34 -15.17
N ASP A 74 2.33 -6.90 -14.81
CA ASP A 74 1.07 -6.31 -15.29
C ASP A 74 0.66 -5.07 -14.52
N GLY A 75 1.49 -4.58 -13.58
CA GLY A 75 1.15 -3.33 -12.91
C GLY A 75 0.14 -3.48 -11.80
N GLN A 76 -0.25 -4.70 -11.47
CA GLN A 76 -1.21 -4.93 -10.41
C GLN A 76 -0.43 -5.26 -9.15
N THR A 77 -0.55 -4.43 -8.14
CA THR A 77 0.22 -4.63 -6.92
C THR A 77 -0.29 -5.86 -6.19
N ARG A 78 0.59 -6.83 -5.97
CA ARG A 78 0.25 -8.04 -5.22
C ARG A 78 1.00 -8.04 -3.91
N ASP A 79 0.58 -8.93 -2.99
CA ASP A 79 1.10 -8.93 -1.64
C ASP A 79 2.49 -9.57 -1.52
N ILE A 80 3.00 -10.19 -2.59
CA ILE A 80 4.36 -10.73 -2.61
C ILE A 80 5.23 -9.71 -3.34
N ALA A 81 6.14 -9.05 -2.61
CA ALA A 81 6.86 -7.94 -3.20
C ALA A 81 7.63 -8.37 -4.45
N THR A 82 8.26 -9.54 -4.42
CA THR A 82 9.07 -9.96 -5.56
C THR A 82 8.25 -10.23 -6.81
N TRP A 83 6.92 -10.37 -6.70
CA TRP A 83 6.07 -10.55 -7.86
C TRP A 83 5.79 -9.25 -8.60
N ASN A 84 6.02 -8.10 -7.98
CA ASN A 84 5.69 -6.79 -8.56
C ASN A 84 6.85 -6.25 -9.37
N ARG A 85 7.28 -7.03 -10.34
CA ARG A 85 8.42 -6.65 -11.16
C ARG A 85 8.44 -7.56 -12.38
N ASP A 86 9.30 -7.21 -13.33
CA ASP A 86 9.48 -8.01 -14.52
C ASP A 86 10.23 -9.30 -14.17
N HIS A 87 9.96 -10.36 -14.93
CA HIS A 87 10.62 -11.64 -14.68
C HIS A 87 11.00 -12.30 -15.99
N ASN A 88 11.97 -13.19 -15.93
CA ASN A 88 12.18 -14.18 -16.97
C ASN A 88 11.92 -15.55 -16.35
N LEU A 89 12.15 -16.60 -17.13
CA LEU A 89 11.85 -17.95 -16.65
C LEU A 89 12.65 -18.30 -15.41
N ILE A 90 13.92 -17.87 -15.36
CA ILE A 90 14.78 -18.18 -14.22
C ILE A 90 14.24 -17.52 -12.95
N THR A 91 13.99 -16.20 -13.00
CA THR A 91 13.54 -15.53 -11.79
C THR A 91 12.10 -15.89 -11.46
N ALA A 92 11.28 -16.19 -12.46
CA ALA A 92 9.91 -16.60 -12.20
C ALA A 92 9.86 -17.92 -11.42
N MET A 93 10.73 -18.86 -11.76
N MET A 93 10.71 -18.87 -11.80
CA MET A 93 10.77 -20.11 -11.00
CA MET A 93 10.84 -20.11 -11.05
C MET A 93 11.40 -19.90 -9.63
C MET A 93 11.35 -19.84 -9.65
N LYS A 94 12.46 -19.08 -9.56
CA LYS A 94 13.11 -18.80 -8.28
C LYS A 94 12.13 -18.18 -7.28
N TYR A 95 11.30 -17.23 -7.71
CA TYR A 95 10.40 -16.53 -6.80
C TYR A 95 8.97 -17.07 -6.88
N SER A 96 8.78 -18.20 -7.54
N SER A 96 8.75 -18.21 -7.51
CA SER A 96 7.49 -18.89 -7.66
CA SER A 96 7.42 -18.83 -7.56
C SER A 96 6.37 -17.89 -8.01
C SER A 96 6.33 -17.86 -8.00
N VAL A 97 6.57 -17.21 -9.14
CA VAL A 97 5.70 -16.11 -9.55
C VAL A 97 4.44 -16.61 -10.22
N VAL A 98 3.42 -16.87 -9.41
CA VAL A 98 2.16 -17.43 -9.90
C VAL A 98 1.59 -16.66 -11.08
N PRO A 99 1.41 -15.33 -11.01
CA PRO A 99 0.74 -14.64 -12.13
C PRO A 99 1.42 -14.80 -13.48
N VAL A 100 2.75 -14.94 -13.52
CA VAL A 100 3.42 -15.21 -14.80
C VAL A 100 2.99 -16.58 -15.33
N TYR A 101 2.96 -17.58 -14.45
CA TYR A 101 2.62 -18.94 -14.88
C TYR A 101 1.13 -19.09 -15.16
N GLN A 102 0.28 -18.27 -14.54
CA GLN A 102 -1.13 -18.28 -14.91
C GLN A 102 -1.32 -17.85 -16.35
N GLU A 103 -0.57 -16.83 -16.79
CA GLU A 103 -0.63 -16.41 -18.18
C GLU A 103 -0.09 -17.49 -19.12
N PHE A 104 0.99 -18.19 -18.74
CA PHE A 104 1.44 -19.33 -19.55
C PHE A 104 0.27 -20.28 -19.81
N ALA A 105 -0.43 -20.66 -18.74
CA ALA A 105 -1.49 -21.67 -18.85
C ALA A 105 -2.63 -21.21 -19.75
N ARG A 106 -2.99 -19.93 -19.65
CA ARG A 106 -4.02 -19.39 -20.55
C ARG A 106 -3.60 -19.50 -22.01
N GLN A 107 -2.32 -19.22 -22.31
CA GLN A 107 -1.84 -19.31 -23.68
C GLN A 107 -1.68 -20.76 -24.12
N ILE A 108 -1.29 -21.64 -23.20
CA ILE A 108 -1.26 -23.06 -23.52
C ILE A 108 -2.67 -23.53 -23.89
N GLY A 109 -3.63 -23.25 -23.03
CA GLY A 109 -5.00 -23.68 -23.31
C GLY A 109 -5.28 -25.07 -22.77
N GLU A 110 -6.57 -25.31 -22.49
CA GLU A 110 -7.03 -26.55 -21.88
C GLU A 110 -6.61 -27.78 -22.69
N ALA A 111 -6.88 -27.78 -23.99
CA ALA A 111 -6.66 -28.98 -24.79
C ALA A 111 -5.19 -29.39 -24.80
N ARG A 112 -4.30 -28.43 -25.07
CA ARG A 112 -2.89 -28.79 -25.14
C ARG A 112 -2.34 -29.14 -23.76
N MET A 113 -2.79 -28.44 -22.71
CA MET A 113 -2.32 -28.76 -21.37
C MET A 113 -2.72 -30.17 -20.96
N SER A 114 -3.99 -30.53 -21.18
CA SER A 114 -4.44 -31.87 -20.82
C SER A 114 -3.65 -32.93 -21.57
N LYS A 115 -3.43 -32.71 -22.86
CA LYS A 115 -2.73 -33.69 -23.68
C LYS A 115 -1.27 -33.84 -23.26
N MET A 116 -0.62 -32.73 -22.92
N MET A 116 -0.61 -32.75 -22.89
CA MET A 116 0.78 -32.79 -22.50
CA MET A 116 0.79 -32.86 -22.52
C MET A 116 0.92 -33.55 -21.17
C MET A 116 0.96 -33.51 -21.14
N LEU A 117 0.05 -33.26 -20.21
CA LEU A 117 0.14 -33.93 -18.91
C LEU A 117 -0.04 -35.43 -19.08
N HIS A 118 -0.95 -35.85 -19.95
CA HIS A 118 -1.10 -37.28 -20.20
C HIS A 118 0.16 -37.86 -20.83
N ALA A 119 0.77 -37.13 -21.76
CA ALA A 119 2.02 -37.58 -22.35
C ALA A 119 3.12 -37.70 -21.30
N PHE A 120 3.13 -36.80 -20.31
CA PHE A 120 4.11 -36.84 -19.23
C PHE A 120 3.78 -37.89 -18.17
N ASP A 121 2.60 -38.51 -18.24
CA ASP A 121 2.16 -39.42 -17.18
C ASP A 121 2.14 -38.71 -15.83
N TYR A 122 1.76 -37.42 -15.82
CA TYR A 122 1.93 -36.57 -14.65
C TYR A 122 0.73 -36.67 -13.70
N GLY A 123 0.96 -37.29 -12.55
CA GLY A 123 -0.05 -37.35 -11.51
C GLY A 123 -1.31 -37.99 -12.03
N ASN A 124 -2.45 -37.47 -11.60
CA ASN A 124 -3.72 -37.97 -12.11
C ASN A 124 -4.10 -37.32 -13.43
N GLU A 125 -3.25 -36.46 -13.99
CA GLU A 125 -3.40 -35.93 -15.34
C GLU A 125 -4.71 -35.17 -15.54
N ASP A 126 -5.30 -34.67 -14.45
CA ASP A 126 -6.65 -34.12 -14.46
C ASP A 126 -6.58 -32.62 -14.25
N ILE A 127 -6.95 -31.85 -15.27
CA ILE A 127 -6.89 -30.39 -15.19
C ILE A 127 -8.26 -29.79 -14.88
N SER A 128 -9.19 -30.58 -14.34
CA SER A 128 -10.51 -30.06 -14.02
C SER A 128 -10.36 -28.83 -13.12
N GLY A 129 -11.14 -27.81 -13.44
CA GLY A 129 -11.05 -26.54 -12.74
C GLY A 129 -10.77 -25.44 -13.74
N ASN A 130 -10.32 -24.29 -13.24
CA ASN A 130 -9.95 -23.18 -14.10
C ASN A 130 -8.56 -23.38 -14.70
N VAL A 131 -8.43 -23.10 -15.99
CA VAL A 131 -7.17 -23.33 -16.67
C VAL A 131 -6.05 -22.50 -16.07
N ASP A 132 -6.36 -21.37 -15.43
CA ASP A 132 -5.33 -20.52 -14.85
C ASP A 132 -5.15 -20.73 -13.37
N SER A 133 -5.71 -21.81 -12.80
CA SER A 133 -5.48 -22.04 -11.38
C SER A 133 -5.69 -23.50 -10.94
N PHE A 134 -5.81 -24.44 -11.88
CA PHE A 134 -6.19 -25.80 -11.50
C PHE A 134 -5.15 -26.47 -10.62
N TRP A 135 -3.87 -26.10 -10.75
CA TRP A 135 -2.80 -26.64 -9.92
C TRP A 135 -2.79 -26.06 -8.51
N LEU A 136 -3.61 -25.05 -8.25
CA LEU A 136 -3.75 -24.43 -6.93
C LEU A 136 -5.05 -24.81 -6.25
N ASP A 137 -6.13 -24.96 -7.01
CA ASP A 137 -7.42 -25.30 -6.40
C ASP A 137 -8.32 -26.11 -7.31
N GLY A 138 -7.77 -26.80 -8.30
CA GLY A 138 -8.51 -27.64 -9.20
C GLY A 138 -8.42 -29.10 -8.79
N GLY A 139 -8.55 -29.97 -9.78
CA GLY A 139 -8.62 -31.41 -9.54
C GLY A 139 -7.33 -32.19 -9.67
N ILE A 140 -6.25 -31.54 -10.11
CA ILE A 140 -5.00 -32.27 -10.35
C ILE A 140 -4.37 -32.66 -9.02
N ARG A 141 -3.76 -33.84 -8.99
CA ARG A 141 -3.13 -34.37 -7.79
C ARG A 141 -1.90 -35.17 -8.18
N ILE A 142 -0.91 -35.19 -7.32
CA ILE A 142 0.28 -35.99 -7.56
C ILE A 142 0.85 -36.42 -6.21
N SER A 143 1.40 -37.63 -6.17
CA SER A 143 2.05 -38.15 -4.98
C SER A 143 3.56 -37.89 -5.03
N ALA A 144 4.20 -38.03 -3.86
CA ALA A 144 5.66 -37.90 -3.81
C ALA A 144 6.34 -38.94 -4.69
N THR A 145 5.87 -40.19 -4.68
CA THR A 145 6.50 -41.18 -5.56
C THR A 145 6.28 -40.83 -7.02
N GLU A 146 5.10 -40.29 -7.36
CA GLU A 146 4.85 -39.85 -8.74
C GLU A 146 5.72 -38.64 -9.13
N GLN A 147 6.01 -37.75 -8.20
CA GLN A 147 6.98 -36.69 -8.49
C GLN A 147 8.32 -37.29 -8.88
N ILE A 148 8.78 -38.31 -8.15
CA ILE A 148 10.08 -38.93 -8.45
C ILE A 148 10.08 -39.49 -9.87
N SER A 149 9.01 -40.20 -10.24
N SER A 149 9.01 -40.20 -10.23
CA SER A 149 8.95 -40.81 -11.57
CA SER A 149 8.93 -40.81 -11.55
C SER A 149 9.00 -39.76 -12.66
C SER A 149 9.00 -39.76 -12.65
N PHE A 150 8.33 -38.63 -12.45
CA PHE A 150 8.36 -37.55 -13.43
C PHE A 150 9.73 -36.92 -13.51
N LEU A 151 10.36 -36.66 -12.36
CA LEU A 151 11.69 -36.04 -12.34
C LEU A 151 12.75 -36.94 -12.96
N ARG A 152 12.65 -38.25 -12.76
CA ARG A 152 13.62 -39.14 -13.37
C ARG A 152 13.57 -39.05 -14.90
N LYS A 153 12.37 -38.96 -15.47
CA LYS A 153 12.26 -38.79 -16.92
C LYS A 153 12.89 -37.49 -17.36
N LEU A 154 12.62 -36.40 -16.63
CA LEU A 154 13.21 -35.10 -16.98
C LEU A 154 14.72 -35.17 -16.91
N TYR A 155 15.26 -35.77 -15.85
CA TYR A 155 16.70 -35.87 -15.72
C TYR A 155 17.32 -36.55 -16.95
N HIS A 156 16.70 -37.62 -17.42
CA HIS A 156 17.23 -38.41 -18.55
C HIS A 156 16.76 -37.90 -19.91
N ASN A 157 16.09 -36.75 -19.97
CA ASN A 157 15.60 -36.17 -21.23
C ASN A 157 14.63 -37.10 -21.96
N LYS A 158 13.85 -37.86 -21.21
CA LYS A 158 12.94 -38.84 -21.76
C LYS A 158 11.50 -38.34 -21.82
N LEU A 159 11.23 -37.13 -21.37
CA LEU A 159 9.88 -36.61 -21.54
C LEU A 159 9.61 -36.29 -23.01
N HIS A 160 8.33 -36.28 -23.38
CA HIS A 160 7.94 -36.09 -24.77
C HIS A 160 7.85 -34.62 -25.12
N VAL A 161 8.92 -33.88 -24.85
CA VAL A 161 9.19 -32.55 -25.40
C VAL A 161 10.65 -32.56 -25.84
N SER A 162 11.09 -31.48 -26.47
CA SER A 162 12.43 -31.47 -27.03
C SER A 162 13.49 -31.55 -25.93
N GLU A 163 14.68 -32.02 -26.31
CA GLU A 163 15.83 -31.96 -25.42
C GLU A 163 16.09 -30.54 -24.95
N ARG A 164 16.00 -29.56 -25.86
CA ARG A 164 16.24 -28.17 -25.50
C ARG A 164 15.30 -27.70 -24.39
N SER A 165 14.01 -27.99 -24.53
CA SER A 165 13.05 -27.59 -23.50
C SER A 165 13.42 -28.19 -22.15
N GLN A 166 13.83 -29.47 -22.15
CA GLN A 166 14.19 -30.11 -20.88
C GLN A 166 15.47 -29.53 -20.31
N ARG A 167 16.46 -29.23 -21.16
CA ARG A 167 17.69 -28.60 -20.66
C ARG A 167 17.41 -27.24 -20.05
N ILE A 168 16.54 -26.45 -20.67
CA ILE A 168 16.24 -25.11 -20.15
C ILE A 168 15.54 -25.19 -18.80
N VAL A 169 14.55 -26.09 -18.66
CA VAL A 169 13.86 -26.20 -17.37
C VAL A 169 14.81 -26.69 -16.29
N LYS A 170 15.71 -27.63 -16.60
CA LYS A 170 16.66 -28.08 -15.57
C LYS A 170 17.62 -26.94 -15.18
N GLN A 171 17.97 -26.07 -16.12
CA GLN A 171 18.72 -24.88 -15.75
C GLN A 171 17.93 -24.00 -14.79
N ALA A 172 16.66 -23.75 -15.10
CA ALA A 172 15.82 -22.90 -14.25
C ALA A 172 15.55 -23.51 -12.88
N MET A 173 15.71 -24.84 -12.72
CA MET A 173 15.52 -25.51 -11.43
C MET A 173 16.74 -25.40 -10.54
N LEU A 174 17.86 -24.92 -11.07
CA LEU A 174 19.07 -24.82 -10.28
C LEU A 174 18.81 -24.05 -9.00
N THR A 175 19.12 -24.67 -7.88
CA THR A 175 18.87 -24.13 -6.55
C THR A 175 20.15 -23.93 -5.75
N GLU A 176 21.06 -24.90 -5.77
CA GLU A 176 22.28 -24.80 -4.97
C GLU A 176 23.40 -25.56 -5.68
N ALA A 177 24.61 -25.06 -5.56
CA ALA A 177 25.76 -25.74 -6.15
C ALA A 177 27.01 -25.37 -5.37
N ASN A 178 27.84 -26.37 -5.09
CA ASN A 178 29.13 -26.15 -4.45
C ASN A 178 30.08 -27.26 -4.90
N GLY A 179 31.26 -27.32 -4.30
CA GLY A 179 32.21 -28.35 -4.66
C GLY A 179 31.77 -29.77 -4.34
N ASP A 180 30.71 -29.94 -3.55
CA ASP A 180 30.29 -31.27 -3.11
C ASP A 180 29.06 -31.80 -3.85
N TYR A 181 28.11 -30.95 -4.24
CA TYR A 181 26.88 -31.41 -4.85
C TYR A 181 26.20 -30.25 -5.58
N ILE A 182 25.24 -30.61 -6.41
CA ILE A 182 24.34 -29.70 -7.09
C ILE A 182 22.91 -30.14 -6.78
N ILE A 183 22.05 -29.20 -6.44
CA ILE A 183 20.63 -29.46 -6.23
C ILE A 183 19.82 -28.70 -7.26
N ARG A 184 19.02 -29.43 -8.01
CA ARG A 184 18.00 -28.88 -8.89
C ARG A 184 16.63 -29.27 -8.31
N ALA A 185 15.78 -28.28 -8.03
CA ALA A 185 14.56 -28.56 -7.28
C ALA A 185 13.56 -27.43 -7.47
N LYS A 186 12.35 -27.67 -6.98
CA LYS A 186 11.29 -26.67 -6.97
C LYS A 186 10.46 -26.84 -5.71
N THR A 187 10.18 -25.72 -5.03
CA THR A 187 9.31 -25.71 -3.87
C THR A 187 7.85 -25.60 -4.27
N GLY A 188 6.98 -25.98 -3.34
CA GLY A 188 5.56 -25.79 -3.50
C GLY A 188 4.92 -25.46 -2.17
N TYR A 189 3.80 -24.74 -2.23
CA TYR A 189 3.05 -24.34 -1.05
C TYR A 189 1.57 -24.34 -1.43
N SER A 190 0.82 -25.31 -0.90
CA SER A 190 -0.59 -25.48 -1.24
C SER A 190 -1.47 -25.07 -0.05
N THR A 191 -2.33 -24.05 -0.22
CA THR A 191 -3.17 -23.57 0.88
C THR A 191 -4.68 -23.56 0.58
N ARG A 192 -5.09 -23.68 -0.68
CA ARG A 192 -6.49 -23.52 -1.03
C ARG A 192 -7.34 -24.75 -0.76
N ILE A 193 -6.73 -25.92 -0.62
CA ILE A 193 -7.46 -27.14 -0.35
C ILE A 193 -6.78 -27.87 0.80
N GLU A 194 -7.58 -28.36 1.76
CA GLU A 194 -7.01 -29.07 2.90
C GLU A 194 -6.51 -30.44 2.48
N PRO A 195 -5.44 -30.94 3.10
CA PRO A 195 -4.64 -30.27 4.12
C PRO A 195 -3.61 -29.33 3.50
N LYS A 196 -3.33 -28.22 4.15
CA LYS A 196 -2.29 -27.31 3.67
C LYS A 196 -0.93 -27.97 3.82
N ILE A 197 -0.13 -27.95 2.75
CA ILE A 197 1.17 -28.62 2.75
C ILE A 197 2.21 -27.76 2.04
N GLY A 198 3.48 -28.06 2.34
CA GLY A 198 4.60 -27.59 1.56
C GLY A 198 5.29 -28.76 0.88
N TRP A 199 5.85 -28.50 -0.29
CA TRP A 199 6.58 -29.47 -1.09
C TRP A 199 8.02 -29.02 -1.27
N TRP A 200 8.92 -29.99 -1.47
CA TRP A 200 10.21 -29.74 -2.13
C TRP A 200 10.54 -30.99 -2.92
N VAL A 201 10.76 -30.85 -4.23
CA VAL A 201 11.04 -31.98 -5.10
C VAL A 201 12.21 -31.65 -6.03
N GLY A 202 13.02 -32.65 -6.32
CA GLY A 202 14.17 -32.41 -7.19
C GLY A 202 15.16 -33.55 -7.09
N TRP A 203 16.43 -33.19 -7.23
CA TRP A 203 17.48 -34.18 -7.11
C TRP A 203 18.81 -33.54 -6.75
N VAL A 204 19.70 -34.36 -6.20
N VAL A 204 19.70 -34.38 -6.23
CA VAL A 204 21.04 -33.93 -5.85
CA VAL A 204 21.05 -34.03 -5.82
C VAL A 204 22.01 -34.70 -6.74
C VAL A 204 22.00 -34.73 -6.79
N GLU A 205 22.83 -33.96 -7.47
CA GLU A 205 23.84 -34.51 -8.37
C GLU A 205 25.15 -34.60 -7.63
N LEU A 206 25.73 -35.80 -7.62
CA LEU A 206 27.05 -36.08 -7.11
C LEU A 206 27.95 -36.44 -8.27
N ASP A 207 29.25 -36.61 -7.99
CA ASP A 207 30.19 -37.00 -9.03
C ASP A 207 29.76 -38.29 -9.73
N ASP A 208 29.29 -39.28 -8.96
CA ASP A 208 29.12 -40.64 -9.46
C ASP A 208 27.71 -41.20 -9.29
N ASN A 209 26.73 -40.37 -8.97
CA ASN A 209 25.38 -40.86 -8.74
C ASN A 209 24.45 -39.66 -8.70
N VAL A 210 23.16 -39.92 -8.74
N VAL A 210 23.17 -39.94 -8.79
CA VAL A 210 22.15 -38.90 -8.55
CA VAL A 210 22.12 -38.95 -8.57
C VAL A 210 21.07 -39.46 -7.64
C VAL A 210 21.14 -39.53 -7.56
N TRP A 211 20.71 -38.69 -6.62
CA TRP A 211 19.66 -39.03 -5.68
C TRP A 211 18.46 -38.12 -5.91
N PHE A 212 17.34 -38.70 -6.32
CA PHE A 212 16.09 -37.98 -6.45
C PHE A 212 15.37 -37.90 -5.11
N PHE A 213 14.64 -36.80 -4.90
CA PHE A 213 13.90 -36.64 -3.65
C PHE A 213 12.57 -35.93 -3.91
N ALA A 214 11.62 -36.23 -3.05
CA ALA A 214 10.33 -35.55 -3.05
C ALA A 214 9.81 -35.60 -1.63
N MET A 215 9.49 -34.45 -1.08
CA MET A 215 8.97 -34.37 0.28
C MET A 215 7.75 -33.46 0.30
N ASN A 216 6.80 -33.79 1.17
CA ASN A 216 5.77 -32.84 1.55
C ASN A 216 5.56 -32.96 3.05
N MET A 217 5.01 -31.90 3.62
CA MET A 217 4.83 -31.80 5.05
C MET A 217 3.66 -30.88 5.33
N ASP A 218 3.02 -31.12 6.48
CA ASP A 218 1.94 -30.24 6.91
C ASP A 218 2.49 -28.82 7.10
N MET A 219 1.67 -27.84 6.69
CA MET A 219 2.08 -26.44 6.68
C MET A 219 0.90 -25.57 7.08
N PRO A 220 0.49 -25.62 8.35
CA PRO A 220 -0.69 -24.82 8.77
C PRO A 220 -0.46 -23.32 8.68
N THR A 221 0.79 -22.89 8.68
CA THR A 221 1.15 -21.48 8.68
C THR A 221 2.38 -21.29 7.80
N SER A 222 2.51 -20.10 7.21
CA SER A 222 3.67 -19.85 6.38
C SER A 222 4.96 -19.77 7.19
N ASP A 223 4.89 -19.72 8.52
CA ASP A 223 6.07 -19.62 9.36
C ASP A 223 6.98 -20.83 9.21
N GLY A 224 6.43 -21.98 8.78
CA GLY A 224 7.20 -23.19 8.67
C GLY A 224 7.79 -23.47 7.30
N LEU A 225 7.72 -22.53 6.36
CA LEU A 225 8.09 -22.86 4.98
C LEU A 225 9.56 -23.26 4.87
N GLY A 226 10.44 -22.63 5.65
CA GLY A 226 11.86 -22.95 5.60
C GLY A 226 12.17 -24.37 6.00
N LEU A 227 11.25 -25.04 6.70
CA LEU A 227 11.46 -26.44 7.08
C LEU A 227 11.44 -27.37 5.89
N ARG A 228 10.82 -26.98 4.77
CA ARG A 228 10.79 -27.86 3.60
C ARG A 228 12.22 -28.23 3.18
N GLN A 229 13.08 -27.24 3.01
CA GLN A 229 14.45 -27.52 2.60
C GLN A 229 15.28 -28.02 3.77
N ALA A 230 15.06 -27.45 4.97
CA ALA A 230 15.90 -27.77 6.11
C ALA A 230 15.77 -29.23 6.50
N ILE A 231 14.55 -29.72 6.57
CA ILE A 231 14.35 -31.12 6.94
C ILE A 231 14.95 -32.02 5.86
N THR A 232 14.69 -31.72 4.59
CA THR A 232 15.22 -32.55 3.51
C THR A 232 16.74 -32.67 3.58
N LYS A 233 17.42 -31.54 3.75
CA LYS A 233 18.88 -31.57 3.76
C LYS A 233 19.40 -32.31 4.98
N GLU A 234 18.66 -32.25 6.10
CA GLU A 234 19.05 -33.00 7.29
C GLU A 234 18.90 -34.50 7.06
N VAL A 235 17.86 -34.92 6.35
CA VAL A 235 17.76 -36.33 5.98
C VAL A 235 18.91 -36.71 5.06
N LEU A 236 19.20 -35.86 4.07
CA LEU A 236 20.30 -36.15 3.15
C LEU A 236 21.61 -36.29 3.91
N LYS A 237 21.85 -35.40 4.88
CA LYS A 237 23.07 -35.46 5.67
C LYS A 237 23.11 -36.75 6.49
N GLN A 238 21.98 -37.12 7.11
CA GLN A 238 21.93 -38.35 7.89
C GLN A 238 22.31 -39.56 7.04
N GLU A 239 21.82 -39.62 5.79
CA GLU A 239 22.09 -40.76 4.93
C GLU A 239 23.42 -40.63 4.19
N LYS A 240 24.26 -39.67 4.58
CA LYS A 240 25.59 -39.51 4.01
C LYS A 240 25.53 -39.25 2.52
N ILE A 241 24.43 -38.65 2.06
CA ILE A 241 24.35 -38.25 0.66
C ILE A 241 25.04 -36.90 0.45
N ILE A 242 24.89 -35.98 1.39
CA ILE A 242 25.65 -34.74 1.36
C ILE A 242 26.42 -34.61 2.68
N PRO A 243 27.54 -33.89 2.72
CA PRO A 243 28.27 -33.68 3.97
C PRO A 243 27.46 -32.87 4.99
N GLU B 2 -26.66 17.26 -1.15
CA GLU B 2 -27.16 15.91 -0.96
C GLU B 2 -26.07 15.03 -0.37
N TRP B 3 -24.81 15.43 -0.54
CA TRP B 3 -23.71 14.69 0.06
C TRP B 3 -22.91 15.61 0.96
N GLN B 4 -22.66 15.15 2.18
CA GLN B 4 -21.88 15.89 3.17
C GLN B 4 -20.75 15.01 3.66
N GLU B 5 -19.57 15.61 3.79
CA GLU B 5 -18.40 14.89 4.25
C GLU B 5 -18.22 15.26 5.72
N ASN B 6 -18.17 14.25 6.58
CA ASN B 6 -18.04 14.46 8.02
C ASN B 6 -16.73 13.79 8.44
N LYS B 7 -15.64 14.55 8.40
CA LYS B 7 -14.32 14.00 8.71
C LYS B 7 -14.16 13.60 10.17
N SER B 8 -15.10 13.98 11.04
CA SER B 8 -14.98 13.59 12.44
C SER B 8 -15.11 12.07 12.60
N TRP B 9 -15.82 11.41 11.69
CA TRP B 9 -15.95 9.96 11.74
C TRP B 9 -14.62 9.25 11.49
N ASN B 10 -13.63 9.93 10.92
CA ASN B 10 -12.33 9.31 10.74
C ASN B 10 -11.79 8.79 12.06
N ALA B 11 -12.15 9.43 13.17
CA ALA B 11 -11.70 8.97 14.47
C ALA B 11 -12.16 7.55 14.74
N HIS B 12 -13.32 7.15 14.20
CA HIS B 12 -13.78 5.78 14.44
C HIS B 12 -12.84 4.77 13.82
N PHE B 13 -12.19 5.12 12.72
CA PHE B 13 -11.20 4.21 12.12
C PHE B 13 -9.87 4.35 12.83
N THR B 14 -9.44 5.59 13.07
CA THR B 14 -8.15 5.86 13.71
C THR B 14 -8.09 5.28 15.11
N GLU B 15 -9.19 5.37 15.86
CA GLU B 15 -9.23 4.81 17.20
C GLU B 15 -8.90 3.32 17.20
N HIS B 16 -9.09 2.63 16.07
CA HIS B 16 -8.81 1.21 15.95
C HIS B 16 -7.59 0.93 15.07
N LYS B 17 -6.71 1.91 14.90
CA LYS B 17 -5.51 1.72 14.08
C LYS B 17 -5.85 1.22 12.68
N SER B 18 -6.94 1.73 12.10
CA SER B 18 -7.32 1.30 10.76
C SER B 18 -7.62 2.48 9.84
N GLN B 19 -8.12 2.18 8.64
CA GLN B 19 -8.46 3.15 7.62
C GLN B 19 -9.64 2.60 6.85
N GLY B 20 -10.58 3.48 6.53
CA GLY B 20 -11.75 3.03 5.80
C GLY B 20 -12.72 4.15 5.53
N VAL B 21 -13.88 3.77 5.03
CA VAL B 21 -14.95 4.69 4.73
C VAL B 21 -16.27 4.12 5.22
N VAL B 22 -17.11 4.99 5.75
CA VAL B 22 -18.50 4.68 5.99
C VAL B 22 -19.35 5.64 5.16
N VAL B 23 -20.38 5.10 4.53
CA VAL B 23 -21.34 5.89 3.76
C VAL B 23 -22.72 5.58 4.32
N LEU B 24 -23.45 6.65 4.65
CA LEU B 24 -24.82 6.56 5.14
C LEU B 24 -25.77 7.30 4.20
N TRP B 25 -26.99 6.79 4.07
CA TRP B 25 -28.01 7.45 3.26
C TRP B 25 -29.33 7.49 4.03
N ASN B 26 -29.84 8.70 4.26
CA ASN B 26 -31.11 8.92 4.95
C ASN B 26 -32.20 8.91 3.89
N GLU B 27 -33.00 7.83 3.85
CA GLU B 27 -33.97 7.68 2.78
C GLU B 27 -35.04 8.77 2.84
N ASN B 28 -35.58 9.06 4.03
CA ASN B 28 -36.62 10.08 4.11
C ASN B 28 -36.12 11.41 3.55
N LYS B 29 -34.91 11.82 3.92
CA LYS B 29 -34.40 13.13 3.53
C LYS B 29 -33.61 13.11 2.23
N GLN B 30 -33.32 11.93 1.69
CA GLN B 30 -32.56 11.81 0.45
C GLN B 30 -31.25 12.57 0.56
N GLN B 31 -30.53 12.29 1.64
CA GLN B 31 -29.25 12.93 1.91
C GLN B 31 -28.24 11.90 2.34
N GLY B 32 -27.02 12.05 1.84
CA GLY B 32 -25.94 11.12 2.14
C GLY B 32 -24.83 11.75 2.95
N PHE B 33 -24.06 10.90 3.65
CA PHE B 33 -23.01 11.31 4.57
C PHE B 33 -21.87 10.32 4.50
N THR B 34 -20.64 10.82 4.56
CA THR B 34 -19.47 9.94 4.57
C THR B 34 -18.30 10.65 5.24
N ASN B 35 -17.33 9.86 5.70
CA ASN B 35 -16.10 10.45 6.21
C ASN B 35 -15.07 10.75 5.13
N ASN B 36 -15.22 10.20 3.93
CA ASN B 36 -14.15 10.29 2.93
C ASN B 36 -14.80 10.16 1.57
N LEU B 37 -15.07 11.31 0.94
CA LEU B 37 -15.73 11.28 -0.37
C LEU B 37 -14.90 10.54 -1.41
N LYS B 38 -13.57 10.71 -1.39
CA LYS B 38 -12.77 9.99 -2.38
C LYS B 38 -12.94 8.48 -2.22
N ARG B 39 -12.72 7.97 -1.01
CA ARG B 39 -12.76 6.51 -0.85
C ARG B 39 -14.18 5.98 -1.02
N ALA B 40 -15.19 6.79 -0.75
CA ALA B 40 -16.56 6.36 -0.97
C ALA B 40 -16.80 5.99 -2.42
N ASN B 41 -16.03 6.57 -3.34
CA ASN B 41 -16.20 6.32 -4.76
C ASN B 41 -15.10 5.50 -5.38
N GLN B 42 -14.16 4.99 -4.58
CA GLN B 42 -13.16 4.07 -5.08
C GLN B 42 -13.74 2.66 -5.16
N ALA B 43 -13.37 1.94 -6.20
CA ALA B 43 -13.97 0.65 -6.52
C ALA B 43 -13.11 -0.51 -5.99
N PHE B 44 -13.74 -1.42 -5.25
CA PHE B 44 -13.04 -2.57 -4.70
C PHE B 44 -13.74 -3.86 -5.16
N LEU B 45 -13.04 -4.99 -5.02
CA LEU B 45 -13.70 -6.27 -5.19
C LEU B 45 -14.88 -6.36 -4.23
N PRO B 46 -16.03 -6.85 -4.68
CA PRO B 46 -17.16 -6.98 -3.74
C PRO B 46 -17.00 -8.13 -2.75
N ALA B 47 -16.23 -9.16 -3.11
CA ALA B 47 -16.06 -10.40 -2.31
C ALA B 47 -17.45 -10.89 -1.91
N SER B 48 -17.66 -11.27 -0.65
CA SER B 48 -18.93 -11.93 -0.31
C SER B 48 -20.14 -11.00 -0.31
N THR B 49 -19.98 -9.67 -0.48
CA THR B 49 -21.17 -8.86 -0.70
C THR B 49 -21.83 -9.20 -2.02
N PHE B 50 -21.11 -9.87 -2.90
CA PHE B 50 -21.67 -10.28 -4.19
C PHE B 50 -22.72 -11.38 -4.00
N KCX B 51 -22.75 -11.98 -2.81
CA KCX B 51 -23.78 -13.00 -2.53
CB KCX B 51 -23.53 -13.66 -1.16
CG KCX B 51 -22.26 -14.58 -1.17
CD KCX B 51 -22.10 -15.43 0.05
CE KCX B 51 -20.93 -16.40 -0.10
NZ KCX B 51 -19.64 -15.69 -0.27
C KCX B 51 -25.19 -12.38 -2.61
O KCX B 51 -26.16 -13.09 -2.86
CX KCX B 51 -19.01 -15.56 -1.44
OQ1 KCX B 51 -19.51 -16.06 -2.48
OQ2 KCX B 51 -17.91 -14.91 -1.51
H KCX B 51 -22.21 -11.84 -2.16
HA KCX B 51 -23.71 -13.70 -3.21
HB2 KCX B 51 -24.29 -14.22 -0.93
HG2 KCX B 51 -21.47 -14.02 -1.26
HD2 KCX B 51 -21.91 -14.86 0.81
HE2 KCX B 51 -21.07 -16.95 -0.89
N ILE B 52 -25.32 -11.07 -2.46
CA ILE B 52 -26.64 -10.47 -2.66
C ILE B 52 -27.13 -10.60 -4.13
N PRO B 53 -26.42 -10.01 -5.10
CA PRO B 53 -26.89 -10.19 -6.48
C PRO B 53 -26.84 -11.65 -6.95
N ASN B 54 -25.82 -12.40 -6.53
CA ASN B 54 -25.74 -13.80 -6.95
C ASN B 54 -27.00 -14.54 -6.53
N SER B 55 -27.46 -14.32 -5.30
CA SER B 55 -28.69 -14.95 -4.84
C SER B 55 -29.89 -14.52 -5.68
N LEU B 56 -30.03 -13.20 -5.91
CA LEU B 56 -31.15 -12.70 -6.70
C LEU B 56 -31.20 -13.37 -8.06
N ILE B 57 -30.04 -13.51 -8.71
CA ILE B 57 -30.01 -14.09 -10.04
C ILE B 57 -30.33 -15.58 -9.97
N ALA B 58 -29.76 -16.30 -9.00
CA ALA B 58 -30.01 -17.73 -8.91
C ALA B 58 -31.49 -18.01 -8.67
N LEU B 59 -32.13 -17.21 -7.81
CA LEU B 59 -33.57 -17.37 -7.57
C LEU B 59 -34.39 -17.04 -8.81
N ASP B 60 -34.09 -15.92 -9.47
CA ASP B 60 -34.95 -15.50 -10.56
C ASP B 60 -34.87 -16.45 -11.76
N LEU B 61 -33.73 -17.11 -11.95
CA LEU B 61 -33.56 -18.07 -13.02
C LEU B 61 -33.98 -19.48 -12.65
N GLY B 62 -34.34 -19.74 -11.40
CA GLY B 62 -34.72 -21.08 -11.00
C GLY B 62 -33.56 -22.00 -10.64
N VAL B 63 -32.32 -21.51 -10.64
CA VAL B 63 -31.20 -22.29 -10.12
C VAL B 63 -31.44 -22.65 -8.67
N VAL B 64 -32.01 -21.72 -7.91
CA VAL B 64 -32.44 -21.94 -6.54
C VAL B 64 -33.96 -21.84 -6.52
N LYS B 65 -34.62 -22.88 -6.01
CA LYS B 65 -36.07 -22.91 -6.01
C LYS B 65 -36.64 -22.00 -4.94
N ASP B 66 -36.08 -22.04 -3.75
CA ASP B 66 -36.58 -21.25 -2.63
C ASP B 66 -35.54 -21.34 -1.51
N GLU B 67 -35.84 -20.67 -0.39
CA GLU B 67 -34.89 -20.54 0.70
C GLU B 67 -34.76 -21.80 1.55
N HIS B 68 -35.51 -22.86 1.22
CA HIS B 68 -35.47 -24.14 1.93
C HIS B 68 -34.67 -25.21 1.18
N GLN B 69 -34.45 -25.02 -0.12
CA GLN B 69 -33.72 -26.00 -0.91
C GLN B 69 -32.36 -26.26 -0.26
N VAL B 70 -32.00 -27.53 -0.12
N VAL B 70 -32.00 -27.52 -0.14
CA VAL B 70 -30.79 -27.93 0.57
CA VAL B 70 -30.78 -27.94 0.55
C VAL B 70 -29.68 -28.15 -0.45
C VAL B 70 -29.68 -28.14 -0.48
N PHE B 71 -28.56 -27.46 -0.27
CA PHE B 71 -27.38 -27.61 -1.11
C PHE B 71 -26.43 -28.51 -0.34
N LYS B 72 -26.31 -29.75 -0.78
CA LYS B 72 -25.55 -30.75 -0.04
C LYS B 72 -24.07 -30.43 -0.09
N TRP B 73 -23.39 -30.60 1.05
CA TRP B 73 -21.92 -30.50 1.09
C TRP B 73 -21.32 -31.48 0.09
N ASP B 74 -20.31 -31.02 -0.66
CA ASP B 74 -19.69 -31.92 -1.63
C ASP B 74 -18.71 -32.90 -0.99
N GLY B 75 -18.59 -32.91 0.34
CA GLY B 75 -17.72 -33.88 0.97
C GLY B 75 -16.25 -33.52 0.97
N GLN B 76 -15.89 -32.33 0.49
CA GLN B 76 -14.51 -31.88 0.48
C GLN B 76 -14.28 -31.05 1.74
N THR B 77 -13.38 -31.53 2.60
CA THR B 77 -13.11 -30.83 3.84
C THR B 77 -12.40 -29.52 3.55
N ARG B 78 -13.00 -28.40 3.98
CA ARG B 78 -12.41 -27.08 3.84
C ARG B 78 -12.06 -26.53 5.23
N ASP B 79 -11.24 -25.47 5.25
CA ASP B 79 -10.72 -24.97 6.52
C ASP B 79 -11.75 -24.14 7.29
N ILE B 80 -12.90 -23.82 6.72
CA ILE B 80 -13.97 -23.15 7.44
C ILE B 80 -14.97 -24.22 7.87
N ALA B 81 -15.03 -24.50 9.18
CA ALA B 81 -15.81 -25.64 9.68
C ALA B 81 -17.27 -25.55 9.28
N THR B 82 -17.87 -24.36 9.37
CA THR B 82 -19.29 -24.22 9.04
C THR B 82 -19.59 -24.47 7.58
N TRP B 83 -18.57 -24.49 6.71
CA TRP B 83 -18.78 -24.81 5.29
C TRP B 83 -18.90 -26.30 5.03
N ASN B 84 -18.44 -27.14 5.95
CA ASN B 84 -18.43 -28.59 5.77
C ASN B 84 -19.75 -29.21 6.23
N ARG B 85 -20.84 -28.72 5.66
CA ARG B 85 -22.16 -29.19 6.04
C ARG B 85 -23.14 -28.75 4.97
N ASP B 86 -24.36 -29.30 5.04
CA ASP B 86 -25.41 -28.91 4.12
C ASP B 86 -25.89 -27.50 4.45
N HIS B 87 -26.39 -26.80 3.43
CA HIS B 87 -26.85 -25.42 3.58
C HIS B 87 -28.12 -25.20 2.77
N ASN B 88 -28.89 -24.21 3.19
CA ASN B 88 -29.89 -23.59 2.33
C ASN B 88 -29.48 -22.14 2.13
N LEU B 89 -30.34 -21.37 1.46
CA LEU B 89 -29.96 -19.99 1.13
C LEU B 89 -29.75 -19.17 2.40
N ILE B 90 -30.57 -19.40 3.42
CA ILE B 90 -30.46 -18.62 4.66
C ILE B 90 -29.12 -18.87 5.33
N THR B 91 -28.77 -20.14 5.54
CA THR B 91 -27.52 -20.46 6.22
C THR B 91 -26.29 -20.19 5.34
N ALA B 92 -26.44 -20.37 4.03
CA ALA B 92 -25.31 -20.10 3.13
C ALA B 92 -24.93 -18.62 3.16
N MET B 93 -25.91 -17.73 3.30
N MET B 93 -25.92 -17.73 3.26
CA MET B 93 -25.60 -16.31 3.43
CA MET B 93 -25.66 -16.30 3.46
C MET B 93 -25.09 -15.99 4.85
C MET B 93 -25.04 -16.07 4.83
N LYS B 94 -25.65 -16.66 5.87
CA LYS B 94 -25.22 -16.39 7.22
C LYS B 94 -23.75 -16.71 7.40
N TYR B 95 -23.30 -17.83 6.85
CA TYR B 95 -21.93 -18.29 7.03
C TYR B 95 -21.06 -17.99 5.80
N SER B 96 -21.56 -17.19 4.86
CA SER B 96 -20.80 -16.73 3.71
C SER B 96 -20.12 -17.91 2.99
N VAL B 97 -20.95 -18.89 2.63
CA VAL B 97 -20.42 -20.17 2.15
C VAL B 97 -20.03 -20.09 0.67
N VAL B 98 -18.78 -19.69 0.42
CA VAL B 98 -18.31 -19.51 -0.95
C VAL B 98 -18.59 -20.72 -1.84
N PRO B 99 -18.27 -21.96 -1.46
CA PRO B 99 -18.42 -23.07 -2.40
C PRO B 99 -19.84 -23.25 -2.91
N VAL B 100 -20.85 -22.94 -2.09
CA VAL B 100 -22.24 -23.02 -2.54
C VAL B 100 -22.51 -22.00 -3.65
N TYR B 101 -22.02 -20.76 -3.44
CA TYR B 101 -22.24 -19.70 -4.40
C TYR B 101 -21.41 -19.88 -5.66
N GLN B 102 -20.27 -20.58 -5.56
CA GLN B 102 -19.51 -20.90 -6.76
C GLN B 102 -20.32 -21.80 -7.68
N GLU B 103 -21.01 -22.78 -7.11
CA GLU B 103 -21.87 -23.66 -7.90
C GLU B 103 -23.06 -22.90 -8.48
N PHE B 104 -23.67 -21.99 -7.71
CA PHE B 104 -24.69 -21.13 -8.29
C PHE B 104 -24.17 -20.47 -9.56
N ALA B 105 -22.98 -19.87 -9.48
CA ALA B 105 -22.44 -19.11 -10.60
C ALA B 105 -22.22 -19.99 -11.82
N ARG B 106 -21.71 -21.21 -11.60
CA ARG B 106 -21.50 -22.14 -12.72
C ARG B 106 -22.82 -22.50 -13.39
N GLN B 107 -23.89 -22.67 -12.62
CA GLN B 107 -25.19 -22.99 -13.20
C GLN B 107 -25.82 -21.78 -13.87
N ILE B 108 -25.63 -20.60 -13.30
CA ILE B 108 -26.08 -19.38 -13.96
C ILE B 108 -25.39 -19.22 -15.31
N GLY B 109 -24.06 -19.31 -15.32
CA GLY B 109 -23.30 -19.18 -16.54
C GLY B 109 -22.88 -17.74 -16.83
N GLU B 110 -21.81 -17.62 -17.62
CA GLU B 110 -21.23 -16.32 -17.96
C GLU B 110 -22.23 -15.38 -18.60
N ALA B 111 -22.95 -15.85 -19.61
CA ALA B 111 -23.81 -14.95 -20.39
C ALA B 111 -24.93 -14.38 -19.54
N ARG B 112 -25.64 -15.23 -18.79
CA ARG B 112 -26.75 -14.74 -17.98
C ARG B 112 -26.26 -13.89 -16.83
N MET B 113 -25.14 -14.26 -16.23
CA MET B 113 -24.57 -13.46 -15.15
C MET B 113 -24.20 -12.08 -15.66
N SER B 114 -23.52 -12.02 -16.80
CA SER B 114 -23.10 -10.73 -17.34
C SER B 114 -24.31 -9.87 -17.66
N LYS B 115 -25.33 -10.45 -18.28
CA LYS B 115 -26.52 -9.66 -18.61
C LYS B 115 -27.17 -9.10 -17.36
N MET B 116 -27.24 -9.88 -16.29
CA MET B 116 -27.99 -9.44 -15.11
C MET B 116 -27.25 -8.35 -14.36
N LEU B 117 -25.92 -8.39 -14.33
CA LEU B 117 -25.21 -7.31 -13.67
C LEU B 117 -25.34 -6.01 -14.46
N HIS B 118 -25.37 -6.09 -15.80
CA HIS B 118 -25.71 -4.91 -16.58
C HIS B 118 -27.12 -4.43 -16.23
N ALA B 119 -28.08 -5.35 -16.18
CA ALA B 119 -29.45 -4.96 -15.87
C ALA B 119 -29.57 -4.36 -14.48
N PHE B 120 -28.78 -4.84 -13.52
CA PHE B 120 -28.73 -4.30 -12.17
C PHE B 120 -27.93 -3.02 -12.06
N ASP B 121 -27.22 -2.61 -13.10
CA ASP B 121 -26.33 -1.46 -12.99
C ASP B 121 -25.32 -1.67 -11.85
N TYR B 122 -24.84 -2.90 -11.68
CA TYR B 122 -24.07 -3.28 -10.50
C TYR B 122 -22.58 -2.99 -10.73
N GLY B 123 -22.06 -2.00 -10.00
CA GLY B 123 -20.64 -1.72 -10.05
C GLY B 123 -20.18 -1.44 -11.46
N ASN B 124 -19.01 -1.97 -11.80
CA ASN B 124 -18.51 -1.79 -13.16
C ASN B 124 -19.06 -2.84 -14.12
N GLU B 125 -19.98 -3.71 -13.65
CA GLU B 125 -20.72 -4.62 -14.53
C GLU B 125 -19.82 -5.57 -15.33
N ASP B 126 -18.62 -5.84 -14.81
CA ASP B 126 -17.57 -6.55 -15.53
C ASP B 126 -17.31 -7.90 -14.85
N ILE B 127 -17.62 -9.00 -15.53
CA ILE B 127 -17.41 -10.31 -14.93
C ILE B 127 -16.12 -10.97 -15.44
N SER B 128 -15.19 -10.18 -15.97
CA SER B 128 -13.94 -10.74 -16.46
C SER B 128 -13.29 -11.61 -15.39
N GLY B 129 -12.79 -12.76 -15.80
CA GLY B 129 -12.24 -13.73 -14.89
C GLY B 129 -12.92 -15.08 -14.99
N ASN B 130 -12.73 -15.92 -13.99
CA ASN B 130 -13.39 -17.22 -13.96
C ASN B 130 -14.83 -17.06 -13.47
N VAL B 131 -15.76 -17.75 -14.14
CA VAL B 131 -17.16 -17.58 -13.77
C VAL B 131 -17.41 -17.98 -12.32
N ASP B 132 -16.58 -18.86 -11.75
CA ASP B 132 -16.83 -19.32 -10.38
C ASP B 132 -15.98 -18.59 -9.35
N SER B 133 -15.32 -17.49 -9.72
CA SER B 133 -14.56 -16.77 -8.71
C SER B 133 -14.32 -15.30 -9.03
N PHE B 134 -15.01 -14.75 -10.05
CA PHE B 134 -14.66 -13.39 -10.52
C PHE B 134 -14.90 -12.35 -9.43
N TRP B 135 -15.84 -12.60 -8.52
CA TRP B 135 -16.10 -11.66 -7.43
C TRP B 135 -15.04 -11.75 -6.34
N LEU B 136 -14.14 -12.72 -6.42
CA LEU B 136 -13.03 -12.85 -5.48
C LEU B 136 -11.70 -12.46 -6.09
N ASP B 137 -11.51 -12.68 -7.39
CA ASP B 137 -10.22 -12.31 -7.99
C ASP B 137 -10.33 -11.95 -9.47
N GLY B 138 -11.50 -11.57 -9.95
CA GLY B 138 -11.70 -11.16 -11.31
C GLY B 138 -11.71 -9.66 -11.44
N GLY B 139 -12.36 -9.18 -12.50
CA GLY B 139 -12.32 -7.77 -12.84
C GLY B 139 -13.45 -6.94 -12.26
N ILE B 140 -14.41 -7.57 -11.60
CA ILE B 140 -15.57 -6.83 -11.11
C ILE B 140 -15.14 -5.95 -9.93
N ARG B 141 -15.74 -4.75 -9.89
CA ARG B 141 -15.44 -3.77 -8.85
C ARG B 141 -16.71 -2.99 -8.53
N ILE B 142 -16.83 -2.55 -7.27
CA ILE B 142 -17.95 -1.71 -6.86
C ILE B 142 -17.48 -0.79 -5.75
N SER B 143 -18.01 0.44 -5.73
CA SER B 143 -17.75 1.41 -4.69
C SER B 143 -18.82 1.35 -3.59
N ALA B 144 -18.51 1.98 -2.45
CA ALA B 144 -19.47 2.07 -1.35
C ALA B 144 -20.73 2.83 -1.78
N THR B 145 -20.57 3.92 -2.54
CA THR B 145 -21.75 4.65 -2.99
C THR B 145 -22.55 3.80 -3.97
N GLU B 146 -21.88 3.01 -4.81
CA GLU B 146 -22.59 2.11 -5.70
C GLU B 146 -23.30 0.98 -4.94
N GLN B 147 -22.73 0.50 -3.83
CA GLN B 147 -23.46 -0.47 -3.01
C GLN B 147 -24.79 0.12 -2.55
N ILE B 148 -24.76 1.36 -2.07
CA ILE B 148 -25.97 2.01 -1.57
C ILE B 148 -27.00 2.14 -2.67
N SER B 149 -26.59 2.57 -3.87
N SER B 149 -26.59 2.60 -3.86
CA SER B 149 -27.54 2.70 -4.97
CA SER B 149 -27.52 2.70 -4.98
C SER B 149 -28.20 1.37 -5.29
C SER B 149 -28.20 1.36 -5.27
N PHE B 150 -27.42 0.28 -5.29
CA PHE B 150 -27.98 -1.05 -5.57
C PHE B 150 -28.92 -1.48 -4.46
N LEU B 151 -28.52 -1.28 -3.21
CA LEU B 151 -29.35 -1.70 -2.09
C LEU B 151 -30.66 -0.94 -2.04
N ARG B 152 -30.67 0.35 -2.40
CA ARG B 152 -31.91 1.10 -2.41
C ARG B 152 -32.90 0.51 -3.40
N LYS B 153 -32.41 0.09 -4.56
CA LYS B 153 -33.26 -0.56 -5.55
C LYS B 153 -33.86 -1.84 -4.96
N LEU B 154 -33.04 -2.65 -4.30
CA LEU B 154 -33.51 -3.89 -3.70
C LEU B 154 -34.59 -3.62 -2.66
N TYR B 155 -34.33 -2.65 -1.77
CA TYR B 155 -35.29 -2.30 -0.72
C TYR B 155 -36.66 -2.00 -1.32
N HIS B 156 -36.68 -1.24 -2.41
CA HIS B 156 -37.92 -0.80 -3.05
C HIS B 156 -38.45 -1.79 -4.08
N ASN B 157 -37.85 -2.97 -4.20
CA ASN B 157 -38.28 -3.99 -5.16
C ASN B 157 -38.17 -3.50 -6.62
N LYS B 158 -37.18 -2.64 -6.91
CA LYS B 158 -37.04 -2.02 -8.22
C LYS B 158 -35.99 -2.68 -9.12
N LEU B 159 -35.28 -3.69 -8.64
CA LEU B 159 -34.36 -4.41 -9.51
C LEU B 159 -35.13 -5.24 -10.54
N HIS B 160 -34.46 -5.54 -11.65
CA HIS B 160 -35.12 -6.23 -12.76
C HIS B 160 -35.12 -7.75 -12.56
N VAL B 161 -35.64 -8.18 -11.40
CA VAL B 161 -36.05 -9.54 -11.13
C VAL B 161 -37.43 -9.48 -10.45
N SER B 162 -38.00 -10.64 -10.16
CA SER B 162 -39.35 -10.66 -9.62
C SER B 162 -39.37 -10.08 -8.21
N GLU B 163 -40.56 -9.62 -7.80
CA GLU B 163 -40.73 -9.19 -6.41
C GLU B 163 -40.40 -10.33 -5.46
N ARG B 164 -40.83 -11.56 -5.79
CA ARG B 164 -40.54 -12.71 -4.94
C ARG B 164 -39.02 -12.89 -4.72
N SER B 165 -38.24 -12.84 -5.80
CA SER B 165 -36.80 -13.01 -5.64
C SER B 165 -36.23 -11.94 -4.70
N GLN B 166 -36.69 -10.71 -4.82
CA GLN B 166 -36.16 -9.65 -3.96
C GLN B 166 -36.60 -9.87 -2.51
N ARG B 167 -37.84 -10.30 -2.29
CA ARG B 167 -38.28 -10.56 -0.91
C ARG B 167 -37.47 -11.69 -0.28
N ILE B 168 -37.21 -12.75 -1.03
CA ILE B 168 -36.47 -13.87 -0.45
C ILE B 168 -35.06 -13.45 -0.06
N VAL B 169 -34.38 -12.69 -0.92
CA VAL B 169 -33.01 -12.28 -0.59
C VAL B 169 -33.00 -11.34 0.61
N LYS B 170 -33.98 -10.44 0.72
CA LYS B 170 -34.01 -9.56 1.88
C LYS B 170 -34.26 -10.33 3.16
N GLN B 171 -35.04 -11.40 3.10
CA GLN B 171 -35.16 -12.31 4.23
C GLN B 171 -33.80 -12.93 4.55
N ALA B 172 -33.08 -13.40 3.54
CA ALA B 172 -31.78 -14.02 3.79
C ALA B 172 -30.75 -13.02 4.30
N MET B 173 -30.96 -11.72 4.07
CA MET B 173 -30.05 -10.70 4.60
C MET B 173 -30.29 -10.38 6.07
N LEU B 174 -31.35 -10.89 6.67
CA LEU B 174 -31.64 -10.55 8.05
C LEU B 174 -30.46 -10.86 8.96
N THR B 175 -29.97 -9.84 9.68
CA THR B 175 -28.81 -9.97 10.54
C THR B 175 -29.11 -9.73 12.00
N GLU B 176 -29.94 -8.73 12.32
CA GLU B 176 -30.23 -8.40 13.70
C GLU B 176 -31.62 -7.79 13.78
N ALA B 177 -32.35 -8.11 14.84
CA ALA B 177 -33.66 -7.50 15.03
C ALA B 177 -33.96 -7.46 16.52
N ASN B 178 -34.46 -6.31 16.96
CA ASN B 178 -34.90 -6.13 18.33
C ASN B 178 -36.02 -5.10 18.31
N GLY B 179 -36.47 -4.69 19.49
CA GLY B 179 -37.56 -3.72 19.58
C GLY B 179 -37.24 -2.35 19.05
N ASP B 180 -35.96 -2.05 18.79
CA ASP B 180 -35.55 -0.73 18.35
C ASP B 180 -35.24 -0.64 16.87
N TYR B 181 -34.67 -1.68 16.27
CA TYR B 181 -34.31 -1.61 14.86
C TYR B 181 -34.16 -3.02 14.29
N ILE B 182 -34.10 -3.06 12.96
CA ILE B 182 -33.80 -4.24 12.17
C ILE B 182 -32.64 -3.91 11.25
N ILE B 183 -31.68 -4.82 11.16
CA ILE B 183 -30.58 -4.68 10.21
C ILE B 183 -30.63 -5.84 9.23
N ARG B 184 -30.69 -5.50 7.95
CA ARG B 184 -30.49 -6.42 6.84
C ARG B 184 -29.18 -6.03 6.16
N ALA B 185 -28.25 -6.97 6.03
CA ALA B 185 -26.89 -6.63 5.60
C ALA B 185 -26.15 -7.88 5.14
N LYS B 186 -24.97 -7.66 4.56
CA LYS B 186 -24.06 -8.74 4.19
C LYS B 186 -22.63 -8.27 4.40
N THR B 187 -21.83 -9.12 5.02
CA THR B 187 -20.41 -8.85 5.19
C THR B 187 -19.63 -9.29 3.96
N GLY B 188 -18.43 -8.74 3.84
CA GLY B 188 -17.49 -9.16 2.83
C GLY B 188 -16.07 -9.10 3.34
N TYR B 189 -15.22 -9.95 2.76
CA TYR B 189 -13.80 -10.07 3.13
C TYR B 189 -13.01 -10.40 1.87
N SER B 190 -12.25 -9.44 1.35
CA SER B 190 -11.51 -9.57 0.10
C SER B 190 -10.02 -9.69 0.41
N THR B 191 -9.40 -10.82 0.04
CA THR B 191 -7.98 -11.03 0.32
C THR B 191 -7.14 -11.35 -0.91
N ARG B 192 -7.73 -11.70 -2.06
CA ARG B 192 -6.93 -12.19 -3.18
C ARG B 192 -6.29 -11.07 -3.98
N ILE B 193 -6.81 -9.85 -3.88
CA ILE B 193 -6.26 -8.72 -4.64
C ILE B 193 -6.06 -7.57 -3.67
N GLU B 194 -4.91 -6.93 -3.75
CA GLU B 194 -4.61 -5.81 -2.87
C GLU B 194 -5.42 -4.59 -3.27
N PRO B 195 -5.82 -3.76 -2.31
CA PRO B 195 -5.62 -3.93 -0.86
C PRO B 195 -6.67 -4.86 -0.25
N LYS B 196 -6.27 -5.66 0.73
CA LYS B 196 -7.20 -6.53 1.43
C LYS B 196 -8.17 -5.66 2.24
N ILE B 197 -9.47 -5.93 2.13
CA ILE B 197 -10.48 -5.12 2.79
C ILE B 197 -11.58 -6.01 3.35
N GLY B 198 -12.30 -5.43 4.32
CA GLY B 198 -13.58 -5.95 4.76
C GLY B 198 -14.70 -4.98 4.39
N TRP B 199 -15.87 -5.54 4.13
CA TRP B 199 -17.08 -4.81 3.80
C TRP B 199 -18.18 -5.08 4.82
N TRP B 200 -19.09 -4.11 4.97
CA TRP B 200 -20.41 -4.39 5.52
C TRP B 200 -21.37 -3.42 4.85
N VAL B 201 -22.40 -3.96 4.21
CA VAL B 201 -23.37 -3.17 3.46
C VAL B 201 -24.78 -3.66 3.77
N GLY B 202 -25.71 -2.73 3.83
CA GLY B 202 -27.08 -3.08 4.14
C GLY B 202 -27.87 -1.85 4.55
N TRP B 203 -28.81 -2.07 5.45
CA TRP B 203 -29.61 -0.96 5.94
C TRP B 203 -30.19 -1.29 7.31
N VAL B 204 -30.58 -0.23 8.00
N VAL B 204 -30.63 -0.23 7.97
CA VAL B 204 -31.24 -0.33 9.31
CA VAL B 204 -31.24 -0.24 9.30
C VAL B 204 -32.64 0.25 9.16
C VAL B 204 -32.66 0.27 9.14
N GLU B 205 -33.63 -0.56 9.51
CA GLU B 205 -35.05 -0.19 9.46
C GLU B 205 -35.47 0.33 10.81
N LEU B 206 -36.04 1.54 10.82
CA LEU B 206 -36.66 2.15 12.00
C LEU B 206 -38.16 2.22 11.76
N ASP B 207 -38.92 2.63 12.80
CA ASP B 207 -40.36 2.72 12.64
C ASP B 207 -40.75 3.62 11.46
N ASP B 208 -40.04 4.75 11.28
CA ASP B 208 -40.49 5.76 10.32
C ASP B 208 -39.41 6.21 9.34
N ASN B 209 -38.33 5.43 9.19
CA ASN B 209 -37.24 5.80 8.28
C ASN B 209 -36.38 4.56 8.08
N VAL B 210 -35.54 4.63 7.05
N VAL B 210 -35.55 4.63 7.04
CA VAL B 210 -34.55 3.60 6.79
CA VAL B 210 -34.56 3.61 6.75
C VAL B 210 -33.23 4.30 6.49
C VAL B 210 -33.22 4.32 6.51
N TRP B 211 -32.15 3.79 7.10
CA TRP B 211 -30.81 4.29 6.87
C TRP B 211 -30.01 3.22 6.16
N PHE B 212 -29.60 3.52 4.92
CA PHE B 212 -28.71 2.62 4.20
C PHE B 212 -27.27 2.88 4.58
N PHE B 213 -26.46 1.82 4.59
CA PHE B 213 -25.06 1.98 4.93
C PHE B 213 -24.19 1.09 4.06
N ALA B 214 -22.96 1.55 3.83
CA ALA B 214 -21.94 0.77 3.15
C ALA B 214 -20.59 1.24 3.67
N MET B 215 -19.82 0.31 4.19
CA MET B 215 -18.49 0.60 4.70
C MET B 215 -17.51 -0.40 4.14
N ASN B 216 -16.28 0.05 3.96
CA ASN B 216 -15.18 -0.88 3.79
C ASN B 216 -13.98 -0.36 4.56
N MET B 217 -13.05 -1.26 4.86
CA MET B 217 -11.92 -0.91 5.68
C MET B 217 -10.76 -1.82 5.34
N ASP B 218 -9.55 -1.32 5.55
CA ASP B 218 -8.37 -2.15 5.35
C ASP B 218 -8.39 -3.31 6.33
N MET B 219 -7.96 -4.47 5.85
CA MET B 219 -8.06 -5.73 6.61
C MET B 219 -6.80 -6.55 6.37
N PRO B 220 -5.67 -6.12 6.91
CA PRO B 220 -4.42 -6.86 6.68
C PRO B 220 -4.41 -8.27 7.24
N THR B 221 -5.21 -8.56 8.27
CA THR B 221 -5.33 -9.89 8.84
C THR B 221 -6.78 -10.09 9.25
N SER B 222 -7.16 -11.35 9.37
CA SER B 222 -8.52 -11.67 9.77
C SER B 222 -8.82 -11.26 11.21
N ASP B 223 -7.82 -10.85 11.99
CA ASP B 223 -8.05 -10.49 13.40
C ASP B 223 -8.98 -9.29 13.56
N GLY B 224 -9.08 -8.43 12.55
CA GLY B 224 -9.92 -7.24 12.62
C GLY B 224 -11.30 -7.37 12.02
N LEU B 225 -11.75 -8.58 11.69
CA LEU B 225 -13.00 -8.70 10.96
C LEU B 225 -14.18 -8.17 11.74
N GLY B 226 -14.19 -8.35 13.07
CA GLY B 226 -15.27 -7.85 13.90
C GLY B 226 -15.42 -6.34 13.85
N LEU B 227 -14.39 -5.61 13.41
CA LEU B 227 -14.47 -4.16 13.32
C LEU B 227 -15.42 -3.72 12.22
N ARG B 228 -15.71 -4.57 11.24
CA ARG B 228 -16.63 -4.17 10.19
C ARG B 228 -17.95 -3.73 10.79
N GLN B 229 -18.52 -4.56 11.67
CA GLN B 229 -19.78 -4.23 12.32
C GLN B 229 -19.58 -3.27 13.47
N ALA B 230 -18.50 -3.42 14.22
CA ALA B 230 -18.34 -2.58 15.40
C ALA B 230 -18.16 -1.11 15.02
N ILE B 231 -17.34 -0.81 14.01
CA ILE B 231 -17.15 0.58 13.61
C ILE B 231 -18.44 1.17 13.07
N THR B 232 -19.12 0.44 12.20
CA THR B 232 -20.39 0.92 11.65
C THR B 232 -21.37 1.27 12.77
N LYS B 233 -21.50 0.39 13.76
CA LYS B 233 -22.44 0.67 14.83
C LYS B 233 -22.00 1.86 15.67
N GLU B 234 -20.69 2.09 15.81
CA GLU B 234 -20.25 3.27 16.55
C GLU B 234 -20.72 4.52 15.82
N VAL B 235 -20.66 4.50 14.50
CA VAL B 235 -21.12 5.64 13.71
C VAL B 235 -22.62 5.79 13.86
N LEU B 236 -23.36 4.70 13.72
CA LEU B 236 -24.81 4.76 13.88
C LEU B 236 -25.17 5.29 15.26
N LYS B 237 -24.48 4.83 16.30
CA LYS B 237 -24.78 5.33 17.64
C LYS B 237 -24.44 6.82 17.74
N GLN B 238 -23.29 7.24 17.23
CA GLN B 238 -22.92 8.65 17.28
C GLN B 238 -23.97 9.52 16.61
N GLU B 239 -24.51 9.07 15.47
CA GLU B 239 -25.53 9.85 14.79
C GLU B 239 -26.93 9.60 15.34
N LYS B 240 -27.03 8.90 16.48
CA LYS B 240 -28.29 8.69 17.17
C LYS B 240 -29.33 7.99 16.28
N ILE B 241 -28.84 7.17 15.35
CA ILE B 241 -29.72 6.34 14.54
C ILE B 241 -30.12 5.09 15.31
N ILE B 242 -29.21 4.54 16.10
CA ILE B 242 -29.53 3.45 17.02
C ILE B 242 -29.12 3.89 18.41
N PRO B 243 -29.74 3.33 19.46
CA PRO B 243 -29.36 3.68 20.84
C PRO B 243 -27.93 3.31 21.18
N GLU C 2 -22.83 17.23 -5.87
CA GLU C 2 -23.83 16.52 -6.68
C GLU C 2 -23.33 16.32 -8.12
N TRP C 3 -23.86 15.27 -8.75
CA TRP C 3 -23.39 14.80 -10.05
C TRP C 3 -24.60 14.52 -10.92
N GLN C 4 -24.53 14.98 -12.17
CA GLN C 4 -25.59 14.77 -13.15
C GLN C 4 -24.98 14.13 -14.39
N GLU C 5 -25.70 13.18 -14.96
CA GLU C 5 -25.24 12.44 -16.12
C GLU C 5 -25.94 13.00 -17.36
N ASN C 6 -25.15 13.39 -18.37
CA ASN C 6 -25.68 13.94 -19.62
C ASN C 6 -25.23 13.01 -20.74
N LYS C 7 -26.05 12.02 -21.04
CA LYS C 7 -25.71 11.04 -22.04
C LYS C 7 -25.67 11.62 -23.45
N SER C 8 -26.19 12.83 -23.66
CA SER C 8 -26.15 13.41 -25.00
C SER C 8 -24.73 13.66 -25.47
N TRP C 9 -23.79 13.84 -24.53
CA TRP C 9 -22.39 13.99 -24.91
C TRP C 9 -21.82 12.73 -25.54
N ASN C 10 -22.43 11.56 -25.30
CA ASN C 10 -21.95 10.34 -25.92
C ASN C 10 -21.89 10.46 -27.43
N ALA C 11 -22.74 11.30 -28.02
CA ALA C 11 -22.70 11.49 -29.46
C ALA C 11 -21.36 12.02 -29.92
N HIS C 12 -20.70 12.85 -29.10
CA HIS C 12 -19.41 13.39 -29.51
C HIS C 12 -18.35 12.30 -29.61
N PHE C 13 -18.46 11.24 -28.80
CA PHE C 13 -17.53 10.13 -28.91
C PHE C 13 -17.90 9.23 -30.09
N THR C 14 -19.18 8.87 -30.22
CA THR C 14 -19.58 7.96 -31.29
C THR C 14 -19.31 8.56 -32.67
N GLU C 15 -19.49 9.87 -32.82
CA GLU C 15 -19.23 10.50 -34.10
C GLU C 15 -17.79 10.25 -34.55
N HIS C 16 -16.86 10.09 -33.61
CA HIS C 16 -15.49 9.74 -33.94
C HIS C 16 -15.19 8.26 -33.66
N LYS C 17 -16.23 7.41 -33.59
CA LYS C 17 -16.05 5.97 -33.35
C LYS C 17 -15.07 5.74 -32.21
N SER C 18 -15.27 6.48 -31.12
CA SER C 18 -14.44 6.44 -29.94
C SER C 18 -15.32 6.15 -28.73
N GLN C 19 -14.65 5.79 -27.63
CA GLN C 19 -15.28 5.52 -26.36
C GLN C 19 -14.48 6.23 -25.29
N GLY C 20 -15.18 6.85 -24.35
CA GLY C 20 -14.48 7.60 -23.31
C GLY C 20 -15.45 8.32 -22.41
N VAL C 21 -14.89 9.19 -21.58
CA VAL C 21 -15.67 9.98 -20.64
C VAL C 21 -15.12 11.39 -20.62
N VAL C 22 -16.03 12.37 -20.51
CA VAL C 22 -15.71 13.75 -20.16
C VAL C 22 -16.36 14.06 -18.82
N VAL C 23 -15.60 14.68 -17.92
CA VAL C 23 -16.09 15.10 -16.62
C VAL C 23 -15.86 16.60 -16.50
N LEU C 24 -16.93 17.34 -16.16
CA LEU C 24 -16.86 18.78 -15.91
C LEU C 24 -17.30 19.09 -14.48
N TRP C 25 -16.66 20.12 -13.91
CA TRP C 25 -17.02 20.60 -12.58
C TRP C 25 -17.14 22.13 -12.60
N ASN C 26 -18.32 22.61 -12.25
CA ASN C 26 -18.62 24.04 -12.18
C ASN C 26 -18.25 24.53 -10.79
N GLU C 27 -17.15 25.31 -10.69
CA GLU C 27 -16.64 25.71 -9.39
C GLU C 27 -17.63 26.58 -8.64
N ASN C 28 -18.23 27.56 -9.33
CA ASN C 28 -19.18 28.45 -8.65
C ASN C 28 -20.33 27.67 -8.03
N LYS C 29 -20.90 26.74 -8.78
CA LYS C 29 -22.08 26.04 -8.32
C LYS C 29 -21.79 24.76 -7.56
N GLN C 30 -20.54 24.33 -7.54
CA GLN C 30 -20.15 23.08 -6.87
C GLN C 30 -20.98 21.91 -7.38
N GLN C 31 -21.04 21.79 -8.70
CA GLN C 31 -21.82 20.75 -9.36
C GLN C 31 -21.00 20.15 -10.48
N GLY C 32 -21.14 18.83 -10.65
CA GLY C 32 -20.42 18.09 -11.66
C GLY C 32 -21.34 17.50 -12.71
N PHE C 33 -20.79 17.26 -13.89
CA PHE C 33 -21.53 16.76 -15.05
C PHE C 33 -20.64 15.79 -15.81
N THR C 34 -21.20 14.68 -16.28
CA THR C 34 -20.43 13.74 -17.08
C THR C 34 -21.36 12.92 -17.96
N ASN C 35 -20.79 12.34 -19.01
CA ASN C 35 -21.58 11.46 -19.86
C ASN C 35 -21.68 10.04 -19.30
N ASN C 36 -20.82 9.67 -18.35
CA ASN C 36 -20.73 8.28 -17.90
C ASN C 36 -20.20 8.32 -16.48
N LEU C 37 -21.13 8.27 -15.52
CA LEU C 37 -20.75 8.36 -14.11
C LEU C 37 -19.80 7.24 -13.69
N LYS C 38 -20.01 6.02 -14.20
CA LYS C 38 -19.14 4.91 -13.84
C LYS C 38 -17.73 5.11 -14.37
N ARG C 39 -17.57 5.44 -15.66
CA ARG C 39 -16.21 5.59 -16.14
C ARG C 39 -15.54 6.82 -15.53
N ALA C 40 -16.33 7.82 -15.16
CA ALA C 40 -15.79 9.01 -14.52
C ALA C 40 -15.06 8.65 -13.23
N ASN C 41 -15.47 7.54 -12.62
CA ASN C 41 -14.89 7.05 -11.38
C ASN C 41 -14.00 5.84 -11.58
N GLN C 42 -13.70 5.48 -12.82
CA GLN C 42 -12.77 4.37 -13.05
C GLN C 42 -11.34 4.87 -12.99
N ALA C 43 -10.50 4.16 -12.25
CA ALA C 43 -9.15 4.60 -12.00
C ALA C 43 -8.21 3.96 -13.01
N PHE C 44 -7.43 4.78 -13.70
CA PHE C 44 -6.46 4.34 -14.70
C PHE C 44 -5.06 4.83 -14.34
N LEU C 45 -4.06 4.29 -15.04
CA LEU C 45 -2.73 4.87 -15.00
C LEU C 45 -2.80 6.33 -15.45
N PRO C 46 -2.15 7.26 -14.75
CA PRO C 46 -2.19 8.67 -15.17
C PRO C 46 -1.29 9.00 -16.35
N ALA C 47 -0.24 8.21 -16.60
CA ALA C 47 0.75 8.46 -17.64
C ALA C 47 1.18 9.92 -17.50
N SER C 48 1.25 10.70 -18.59
CA SER C 48 1.92 11.98 -18.50
C SER C 48 1.11 13.04 -17.77
N THR C 49 -0.16 12.80 -17.41
CA THR C 49 -0.81 13.73 -16.50
C THR C 49 -0.12 13.77 -15.15
N PHE C 50 0.69 12.75 -14.85
CA PHE C 50 1.46 12.70 -13.61
C PHE C 50 2.58 13.75 -13.61
N KCX C 51 2.83 14.39 -14.75
CA KCX C 51 3.84 15.45 -14.78
CB KCX C 51 4.14 15.86 -16.24
CG KCX C 51 4.95 14.76 -17.00
CD KCX C 51 5.49 15.21 -18.37
CE KCX C 51 6.37 14.11 -18.98
NZ KCX C 51 5.62 12.81 -19.19
C KCX C 51 3.40 16.64 -13.92
O KCX C 51 4.26 17.38 -13.42
CX KCX C 51 5.75 11.76 -18.38
OQ1 KCX C 51 5.09 10.73 -18.62
OQ2 KCX C 51 6.53 11.76 -17.40
H KCX C 51 2.44 14.23 -15.49
HA KCX C 51 4.66 15.09 -14.40
HB2 KCX C 51 3.30 16.00 -16.71
HG2 KCX C 51 5.70 14.49 -16.45
HD2 KCX C 51 4.74 15.36 -18.97
HE2 KCX C 51 7.12 13.93 -18.39
N ILE C 52 2.10 16.79 -13.68
CA ILE C 52 1.65 17.84 -12.80
C ILE C 52 2.17 17.61 -11.37
N PRO C 53 1.77 16.52 -10.71
CA PRO C 53 2.32 16.31 -9.35
C PRO C 53 3.83 16.15 -9.32
N ASN C 54 4.41 15.49 -10.33
CA ASN C 54 5.87 15.32 -10.36
C ASN C 54 6.56 16.68 -10.38
N SER C 55 6.06 17.62 -11.19
CA SER C 55 6.63 18.97 -11.22
C SER C 55 6.55 19.64 -9.87
N LEU C 56 5.37 19.59 -9.22
CA LEU C 56 5.19 20.20 -7.91
C LEU C 56 6.21 19.68 -6.93
N ILE C 57 6.44 18.36 -6.91
CA ILE C 57 7.33 17.77 -5.93
C ILE C 57 8.76 18.16 -6.22
N ALA C 58 9.16 18.08 -7.49
CA ALA C 58 10.54 18.44 -7.86
C ALA C 58 10.84 19.89 -7.50
N LEU C 59 9.90 20.80 -7.76
CA LEU C 59 10.14 22.20 -7.41
C LEU C 59 10.21 22.38 -5.91
N ASP C 60 9.30 21.77 -5.17
CA ASP C 60 9.27 22.05 -3.74
C ASP C 60 10.50 21.49 -3.04
N LEU C 61 11.05 20.39 -3.55
CA LEU C 61 12.23 19.79 -2.96
C LEU C 61 13.51 20.42 -3.46
N GLY C 62 13.44 21.32 -4.44
CA GLY C 62 14.64 21.93 -5.00
C GLY C 62 15.31 21.10 -6.08
N VAL C 63 14.72 19.97 -6.48
CA VAL C 63 15.25 19.23 -7.61
C VAL C 63 15.23 20.11 -8.85
N VAL C 64 14.20 20.93 -9.01
CA VAL C 64 14.12 21.95 -10.06
C VAL C 64 14.19 23.30 -9.39
N LYS C 65 15.14 24.13 -9.81
CA LYS C 65 15.32 25.43 -9.16
C LYS C 65 14.23 26.42 -9.56
N ASP C 66 13.96 26.55 -10.86
CA ASP C 66 12.90 27.41 -11.36
C ASP C 66 12.55 26.95 -12.77
N GLU C 67 11.63 27.66 -13.39
CA GLU C 67 11.13 27.28 -14.70
C GLU C 67 12.10 27.59 -15.83
N HIS C 68 13.27 28.18 -15.53
CA HIS C 68 14.29 28.47 -16.54
C HIS C 68 15.44 27.47 -16.54
N GLN C 69 15.62 26.72 -15.47
CA GLN C 69 16.73 25.78 -15.40
C GLN C 69 16.68 24.84 -16.60
N VAL C 70 17.84 24.62 -17.21
N VAL C 70 17.85 24.61 -17.19
CA VAL C 70 17.93 23.81 -18.42
CA VAL C 70 17.96 23.82 -18.41
C VAL C 70 18.35 22.39 -18.05
C VAL C 70 18.37 22.39 -18.04
N PHE C 71 17.64 21.41 -18.58
CA PHE C 71 17.94 19.99 -18.41
C PHE C 71 18.47 19.51 -19.75
N LYS C 72 19.77 19.26 -19.82
CA LYS C 72 20.45 18.97 -21.08
C LYS C 72 20.05 17.61 -21.60
N TRP C 73 19.88 17.50 -22.91
CA TRP C 73 19.67 16.22 -23.54
C TRP C 73 20.83 15.30 -23.19
N ASP C 74 20.52 14.06 -22.85
CA ASP C 74 21.57 13.10 -22.50
C ASP C 74 22.22 12.47 -23.72
N GLY C 75 21.89 12.89 -24.93
CA GLY C 75 22.53 12.41 -26.13
C GLY C 75 22.01 11.10 -26.68
N GLN C 76 21.06 10.45 -26.00
CA GLN C 76 20.41 9.25 -26.53
C GLN C 76 19.29 9.67 -27.48
N THR C 77 19.37 9.24 -28.72
CA THR C 77 18.35 9.56 -29.70
C THR C 77 17.14 8.69 -29.44
N ARG C 78 16.00 9.31 -29.19
CA ARG C 78 14.75 8.62 -28.93
C ARG C 78 13.78 8.87 -30.08
N ASP C 79 12.68 8.11 -30.06
CA ASP C 79 11.74 8.10 -31.18
C ASP C 79 10.92 9.39 -31.28
N ILE C 80 10.89 10.20 -30.24
CA ILE C 80 10.16 11.47 -30.26
C ILE C 80 11.20 12.57 -30.49
N ALA C 81 11.14 13.20 -31.67
CA ALA C 81 12.17 14.16 -32.06
C ALA C 81 12.32 15.31 -31.07
N THR C 82 11.19 15.87 -30.60
CA THR C 82 11.27 17.00 -29.68
C THR C 82 11.91 16.64 -28.36
N TRP C 83 12.07 15.35 -28.06
CA TRP C 83 12.75 14.95 -26.83
C TRP C 83 14.26 15.01 -26.94
N ASN C 84 14.80 15.04 -28.15
CA ASN C 84 16.25 14.99 -28.37
C ASN C 84 16.85 16.39 -28.41
N ARG C 85 16.64 17.13 -27.32
CA ARG C 85 17.11 18.52 -27.22
C ARG C 85 17.07 18.93 -25.75
N ASP C 86 17.67 20.10 -25.48
CA ASP C 86 17.61 20.65 -24.13
C ASP C 86 16.20 21.16 -23.85
N HIS C 87 15.81 21.11 -22.58
CA HIS C 87 14.48 21.52 -22.15
C HIS C 87 14.56 22.25 -20.82
N ASN C 88 13.56 23.11 -20.57
CA ASN C 88 13.26 23.58 -19.24
C ASN C 88 11.90 23.05 -18.83
N LEU C 89 11.42 23.47 -17.66
CA LEU C 89 10.16 22.95 -17.15
C LEU C 89 9.00 23.26 -18.08
N ILE C 90 8.98 24.46 -18.66
CA ILE C 90 7.89 24.84 -19.57
C ILE C 90 7.89 23.92 -20.79
N THR C 91 9.04 23.78 -21.45
CA THR C 91 9.06 22.98 -22.68
C THR C 91 8.96 21.50 -22.37
N ALA C 92 9.47 21.05 -21.21
CA ALA C 92 9.35 19.64 -20.87
C ALA C 92 7.89 19.25 -20.70
N MET C 93 7.07 20.14 -20.14
N MET C 93 7.08 20.14 -20.11
CA MET C 93 5.65 19.83 -20.01
CA MET C 93 5.64 19.91 -19.99
C MET C 93 4.93 19.99 -21.35
C MET C 93 4.98 19.96 -21.35
N LYS C 94 5.30 20.99 -22.13
CA LYS C 94 4.70 21.20 -23.45
C LYS C 94 4.87 19.96 -24.34
N TYR C 95 6.07 19.40 -24.38
CA TYR C 95 6.38 18.28 -25.25
C TYR C 95 6.36 16.95 -24.53
N SER C 96 5.94 16.94 -23.27
CA SER C 96 5.73 15.72 -22.50
C SER C 96 6.97 14.83 -22.51
N VAL C 97 8.09 15.43 -22.09
CA VAL C 97 9.41 14.81 -22.20
C VAL C 97 9.64 13.84 -21.04
N VAL C 98 9.23 12.59 -21.24
CA VAL C 98 9.38 11.56 -20.21
C VAL C 98 10.79 11.50 -19.63
N PRO C 99 11.85 11.42 -20.42
CA PRO C 99 13.18 11.22 -19.82
C PRO C 99 13.58 12.31 -18.85
N VAL C 100 13.11 13.55 -19.05
CA VAL C 100 13.41 14.62 -18.10
C VAL C 100 12.75 14.32 -16.76
N TYR C 101 11.48 13.89 -16.80
CA TYR C 101 10.73 13.64 -15.58
C TYR C 101 11.20 12.36 -14.89
N GLN C 102 11.71 11.41 -15.66
CA GLN C 102 12.30 10.23 -15.04
C GLN C 102 13.52 10.60 -14.22
N GLU C 103 14.33 11.55 -14.72
CA GLU C 103 15.44 12.03 -13.92
C GLU C 103 14.97 12.75 -12.66
N PHE C 104 13.92 13.58 -12.77
CA PHE C 104 13.33 14.19 -11.57
C PHE C 104 12.98 13.11 -10.54
N ALA C 105 12.28 12.07 -11.00
CA ALA C 105 11.78 11.05 -10.07
C ALA C 105 12.92 10.34 -9.36
N ARG C 106 14.00 10.00 -10.07
CA ARG C 106 15.13 9.37 -9.42
C ARG C 106 15.70 10.26 -8.32
N GLN C 107 15.77 11.57 -8.57
CA GLN C 107 16.33 12.47 -7.57
C GLN C 107 15.37 12.67 -6.41
N ILE C 108 14.06 12.67 -6.68
CA ILE C 108 13.08 12.72 -5.60
C ILE C 108 13.22 11.49 -4.70
N GLY C 109 13.21 10.32 -5.30
CA GLY C 109 13.35 9.07 -4.54
C GLY C 109 12.04 8.51 -4.08
N GLU C 110 12.03 7.19 -3.86
CA GLU C 110 10.81 6.47 -3.49
C GLU C 110 10.18 7.05 -2.24
N ALA C 111 10.96 7.25 -1.18
CA ALA C 111 10.36 7.65 0.10
C ALA C 111 9.66 9.01 -0.03
N ARG C 112 10.34 10.01 -0.59
CA ARG C 112 9.73 11.33 -0.68
C ARG C 112 8.57 11.33 -1.67
N MET C 113 8.70 10.58 -2.78
CA MET C 113 7.61 10.52 -3.75
C MET C 113 6.36 9.93 -3.12
N SER C 114 6.52 8.83 -2.38
CA SER C 114 5.39 8.20 -1.71
C SER C 114 4.73 9.15 -0.72
N LYS C 115 5.53 9.81 0.12
CA LYS C 115 4.97 10.68 1.15
C LYS C 115 4.20 11.84 0.52
N MET C 116 4.74 12.42 -0.55
N MET C 116 4.71 12.40 -0.57
CA MET C 116 4.09 13.58 -1.17
CA MET C 116 4.05 13.58 -1.13
C MET C 116 2.75 13.21 -1.77
C MET C 116 2.74 13.21 -1.80
N LEU C 117 2.67 12.06 -2.45
CA LEU C 117 1.42 11.67 -3.06
C LEU C 117 0.36 11.40 -2.00
N HIS C 118 0.76 10.85 -0.86
CA HIS C 118 -0.18 10.76 0.26
C HIS C 118 -0.64 12.14 0.68
N ALA C 119 0.30 13.08 0.83
CA ALA C 119 -0.09 14.43 1.23
C ALA C 119 -1.05 15.04 0.21
N PHE C 120 -0.88 14.71 -1.08
CA PHE C 120 -1.77 15.21 -2.12
C PHE C 120 -3.09 14.46 -2.18
N ASP C 121 -3.22 13.35 -1.44
CA ASP C 121 -4.42 12.54 -1.55
C ASP C 121 -4.63 12.10 -3.01
N TYR C 122 -3.55 11.76 -3.69
CA TYR C 122 -3.54 11.57 -5.14
C TYR C 122 -3.88 10.13 -5.49
N GLY C 123 -5.05 9.91 -6.09
CA GLY C 123 -5.41 8.58 -6.59
C GLY C 123 -5.34 7.53 -5.50
N ASN C 124 -4.81 6.36 -5.84
CA ASN C 124 -4.64 5.30 -4.86
C ASN C 124 -3.33 5.41 -4.08
N GLU C 125 -2.53 6.44 -4.34
CA GLU C 125 -1.33 6.75 -3.57
C GLU C 125 -0.29 5.63 -3.60
N ASP C 126 -0.33 4.76 -4.61
CA ASP C 126 0.49 3.54 -4.68
C ASP C 126 1.55 3.73 -5.76
N ILE C 127 2.83 3.84 -5.35
CA ILE C 127 3.91 4.04 -6.33
C ILE C 127 4.64 2.74 -6.65
N SER C 128 4.04 1.59 -6.38
CA SER C 128 4.73 0.33 -6.64
C SER C 128 5.27 0.26 -8.06
N GLY C 129 6.50 -0.22 -8.20
CA GLY C 129 7.18 -0.28 -9.48
C GLY C 129 8.49 0.48 -9.44
N ASN C 130 9.04 0.80 -10.61
CA ASN C 130 10.25 1.59 -10.67
C ASN C 130 9.91 3.04 -10.31
N VAL C 131 10.76 3.64 -9.48
CA VAL C 131 10.55 5.02 -9.06
C VAL C 131 10.48 5.95 -10.26
N ASP C 132 11.13 5.58 -11.36
CA ASP C 132 11.16 6.40 -12.56
C ASP C 132 10.23 5.92 -13.67
N SER C 133 9.28 5.01 -13.36
CA SER C 133 8.26 4.67 -14.37
C SER C 133 6.92 4.23 -13.80
N PHE C 134 6.66 4.36 -12.49
CA PHE C 134 5.45 3.79 -11.91
C PHE C 134 4.19 4.45 -12.46
N TRP C 135 4.27 5.71 -12.90
CA TRP C 135 3.10 6.36 -13.49
C TRP C 135 2.83 5.91 -14.93
N LEU C 136 3.73 5.12 -15.53
CA LEU C 136 3.55 4.57 -16.86
C LEU C 136 3.29 3.07 -16.87
N ASP C 137 3.87 2.30 -15.94
CA ASP C 137 3.65 0.86 -15.91
C ASP C 137 3.67 0.27 -14.51
N GLY C 138 3.47 1.08 -13.48
CA GLY C 138 3.42 0.63 -12.11
C GLY C 138 2.01 0.56 -11.54
N GLY C 139 1.91 0.71 -10.21
CA GLY C 139 0.67 0.47 -9.50
C GLY C 139 -0.24 1.66 -9.24
N ILE C 140 0.17 2.87 -9.60
CA ILE C 140 -0.63 4.05 -9.31
C ILE C 140 -1.82 4.11 -10.26
N ARG C 141 -2.97 4.53 -9.72
CA ARG C 141 -4.21 4.63 -10.47
C ARG C 141 -4.97 5.85 -9.96
N ILE C 142 -5.64 6.54 -10.88
CA ILE C 142 -6.44 7.71 -10.54
C ILE C 142 -7.59 7.80 -11.54
N SER C 143 -8.74 8.21 -11.05
CA SER C 143 -9.93 8.40 -11.87
C SER C 143 -10.07 9.86 -12.31
N ALA C 144 -10.97 10.10 -13.27
CA ALA C 144 -11.22 11.47 -13.74
C ALA C 144 -11.75 12.36 -12.62
N THR C 145 -12.65 11.85 -11.77
CA THR C 145 -13.13 12.69 -10.67
C THR C 145 -12.02 13.00 -9.67
N GLU C 146 -11.12 12.04 -9.43
CA GLU C 146 -9.98 12.28 -8.54
C GLU C 146 -8.99 13.27 -9.15
N GLN C 147 -8.82 13.23 -10.47
CA GLN C 147 -8.02 14.27 -11.13
C GLN C 147 -8.60 15.64 -10.83
N ILE C 148 -9.93 15.78 -10.92
CA ILE C 148 -10.55 17.08 -10.67
C ILE C 148 -10.34 17.52 -9.22
N SER C 149 -10.55 16.61 -8.26
N SER C 149 -10.54 16.60 -8.26
CA SER C 149 -10.34 16.95 -6.86
CA SER C 149 -10.34 16.93 -6.86
C SER C 149 -8.93 17.46 -6.64
C SER C 149 -8.93 17.46 -6.63
N PHE C 150 -7.94 16.80 -7.23
CA PHE C 150 -6.55 17.21 -7.11
C PHE C 150 -6.32 18.56 -7.78
N LEU C 151 -6.86 18.75 -8.98
CA LEU C 151 -6.68 20.02 -9.67
C LEU C 151 -7.35 21.18 -8.93
N ARG C 152 -8.50 20.94 -8.29
CA ARG C 152 -9.14 22.01 -7.53
C ARG C 152 -8.22 22.50 -6.41
N LYS C 153 -7.53 21.60 -5.73
CA LYS C 153 -6.60 22.03 -4.70
C LYS C 153 -5.47 22.86 -5.30
N LEU C 154 -4.94 22.41 -6.44
CA LEU C 154 -3.86 23.14 -7.11
C LEU C 154 -4.32 24.54 -7.48
N TYR C 155 -5.50 24.65 -8.09
CA TYR C 155 -6.03 25.96 -8.48
C TYR C 155 -6.10 26.91 -7.28
N HIS C 156 -6.53 26.41 -6.11
CA HIS C 156 -6.69 27.26 -4.93
C HIS C 156 -5.42 27.35 -4.08
N ASN C 157 -4.30 26.82 -4.54
CA ASN C 157 -3.04 26.83 -3.79
C ASN C 157 -3.17 26.09 -2.46
N LYS C 158 -3.97 25.02 -2.45
CA LYS C 158 -4.23 24.27 -1.23
C LYS C 158 -3.45 22.97 -1.12
N LEU C 159 -2.63 22.60 -2.10
CA LEU C 159 -1.78 21.44 -1.92
C LEU C 159 -0.68 21.78 -0.91
N HIS C 160 -0.17 20.73 -0.28
CA HIS C 160 0.82 20.89 0.78
C HIS C 160 2.22 20.99 0.21
N VAL C 161 2.39 21.94 -0.71
CA VAL C 161 3.67 22.44 -1.14
C VAL C 161 3.59 23.97 -1.12
N SER C 162 4.71 24.63 -1.39
CA SER C 162 4.72 26.07 -1.28
C SER C 162 3.80 26.70 -2.34
N GLU C 163 3.32 27.90 -2.05
CA GLU C 163 2.57 28.65 -3.03
C GLU C 163 3.37 28.84 -4.32
N ARG C 164 4.66 29.14 -4.18
CA ARG C 164 5.53 29.34 -5.35
C ARG C 164 5.52 28.11 -6.24
N SER C 165 5.71 26.93 -5.66
CA SER C 165 5.71 25.73 -6.47
C SER C 165 4.40 25.60 -7.24
N GLN C 166 3.28 25.90 -6.59
CA GLN C 166 2.00 25.75 -7.26
C GLN C 166 1.83 26.79 -8.37
N ARG C 167 2.25 28.03 -8.13
CA ARG C 167 2.18 29.04 -9.19
C ARG C 167 3.02 28.65 -10.39
N ILE C 168 4.22 28.13 -10.16
CA ILE C 168 5.10 27.79 -11.30
C ILE C 168 4.49 26.66 -12.13
N VAL C 169 3.96 25.63 -11.48
CA VAL C 169 3.38 24.53 -12.23
C VAL C 169 2.16 24.99 -13.02
N LYS C 170 1.32 25.85 -12.44
CA LYS C 170 0.17 26.36 -13.18
C LYS C 170 0.60 27.20 -14.38
N GLN C 171 1.70 27.92 -14.26
CA GLN C 171 2.28 28.59 -15.43
C GLN C 171 2.69 27.55 -16.50
N ALA C 172 3.39 26.48 -16.09
CA ALA C 172 3.82 25.46 -17.03
C ALA C 172 2.66 24.69 -17.64
N MET C 173 1.49 24.70 -17.01
CA MET C 173 0.30 24.05 -17.56
C MET C 173 -0.40 24.89 -18.63
N LEU C 174 -0.01 26.15 -18.82
CA LEU C 174 -0.68 27.02 -19.78
C LEU C 174 -0.68 26.39 -21.17
N THR C 175 -1.87 26.20 -21.73
CA THR C 175 -2.08 25.55 -23.01
C THR C 175 -2.67 26.47 -24.06
N GLU C 176 -3.66 27.28 -23.70
CA GLU C 176 -4.31 28.15 -24.66
C GLU C 176 -4.86 29.36 -23.93
N ALA C 177 -4.82 30.52 -24.60
CA ALA C 177 -5.40 31.73 -24.02
C ALA C 177 -5.81 32.67 -25.15
N ASN C 178 -6.99 33.27 -25.00
CA ASN C 178 -7.48 34.27 -25.91
C ASN C 178 -8.42 35.19 -25.13
N GLY C 179 -9.10 36.08 -25.84
CA GLY C 179 -9.98 37.03 -25.17
C GLY C 179 -11.17 36.39 -24.49
N ASP C 180 -11.44 35.12 -24.75
CA ASP C 180 -12.61 34.44 -24.21
C ASP C 180 -12.31 33.49 -23.08
N TYR C 181 -11.14 32.84 -23.06
CA TYR C 181 -10.86 31.87 -22.01
C TYR C 181 -9.37 31.58 -21.95
N ILE C 182 -8.98 30.97 -20.85
CA ILE C 182 -7.63 30.44 -20.63
C ILE C 182 -7.80 28.97 -20.29
N ILE C 183 -6.98 28.12 -20.89
CA ILE C 183 -6.95 26.70 -20.55
C ILE C 183 -5.58 26.39 -19.98
N ARG C 184 -5.58 25.83 -18.77
CA ARG C 184 -4.41 25.22 -18.17
C ARG C 184 -4.69 23.72 -18.02
N ALA C 185 -3.84 22.89 -18.62
CA ALA C 185 -4.15 21.48 -18.77
C ALA C 185 -2.88 20.68 -19.03
N LYS C 186 -3.01 19.35 -18.98
CA LYS C 186 -1.92 18.44 -19.33
C LYS C 186 -2.52 17.21 -20.00
N THR C 187 -1.93 16.80 -21.12
CA THR C 187 -2.31 15.58 -21.80
C THR C 187 -1.61 14.37 -21.20
N GLY C 188 -2.20 13.22 -21.45
CA GLY C 188 -1.57 11.95 -21.12
C GLY C 188 -1.87 10.89 -22.16
N TYR C 189 -0.96 9.93 -22.26
CA TYR C 189 -1.09 8.85 -23.23
C TYR C 189 -0.48 7.60 -22.60
N SER C 190 -1.33 6.65 -22.21
CA SER C 190 -0.88 5.46 -21.49
C SER C 190 -0.88 4.29 -22.48
N THR C 191 0.31 3.75 -22.77
CA THR C 191 0.45 2.69 -23.75
C THR C 191 1.15 1.44 -23.23
N ARG C 192 1.75 1.48 -22.04
CA ARG C 192 2.56 0.33 -21.62
C ARG C 192 1.74 -0.81 -21.04
N ILE C 193 0.55 -0.51 -20.52
CA ILE C 193 -0.33 -1.50 -19.89
C ILE C 193 -1.74 -1.28 -20.40
N GLU C 194 -2.43 -2.37 -20.75
CA GLU C 194 -3.79 -2.24 -21.25
C GLU C 194 -4.73 -1.81 -20.12
N PRO C 195 -5.79 -1.06 -20.44
CA PRO C 195 -6.17 -0.58 -21.78
C PRO C 195 -5.39 0.68 -22.18
N LYS C 196 -4.98 0.79 -23.44
CA LYS C 196 -4.33 2.02 -23.87
C LYS C 196 -5.36 3.14 -23.89
N ILE C 197 -5.03 4.26 -23.25
CA ILE C 197 -5.97 5.38 -23.16
C ILE C 197 -5.23 6.69 -23.35
N GLY C 198 -5.99 7.72 -23.71
CA GLY C 198 -5.53 9.08 -23.71
C GLY C 198 -6.27 9.88 -22.65
N TRP C 199 -5.56 10.85 -22.07
CA TRP C 199 -6.07 11.76 -21.04
C TRP C 199 -5.99 13.22 -21.49
N TRP C 200 -6.90 14.04 -20.95
CA TRP C 200 -6.69 15.50 -20.90
C TRP C 200 -7.39 16.00 -19.64
N VAL C 201 -6.63 16.66 -18.76
CA VAL C 201 -7.14 17.16 -17.48
C VAL C 201 -6.66 18.60 -17.30
N GLY C 202 -7.51 19.41 -16.69
CA GLY C 202 -7.17 20.80 -16.46
C GLY C 202 -8.39 21.61 -16.11
N TRP C 203 -8.38 22.87 -16.52
CA TRP C 203 -9.51 23.75 -16.26
C TRP C 203 -9.55 24.88 -17.28
N VAL C 204 -10.75 25.43 -17.44
CA VAL C 204 -11.02 26.59 -18.29
C VAL C 204 -11.34 27.76 -17.37
N GLU C 205 -10.53 28.81 -17.43
CA GLU C 205 -10.77 30.02 -16.67
C GLU C 205 -11.63 30.98 -17.50
N LEU C 206 -12.76 31.40 -16.93
CA LEU C 206 -13.59 32.45 -17.52
C LEU C 206 -13.50 33.69 -16.65
N ASP C 207 -14.16 34.77 -17.11
CA ASP C 207 -14.17 36.02 -16.34
C ASP C 207 -14.73 35.80 -14.95
N ASP C 208 -15.78 34.99 -14.82
CA ASP C 208 -16.57 34.92 -13.59
C ASP C 208 -16.73 33.50 -13.05
N ASN C 209 -15.98 32.53 -13.55
CA ASN C 209 -16.12 31.16 -13.09
C ASN C 209 -14.94 30.37 -13.62
N VAL C 210 -14.78 29.16 -13.10
N VAL C 210 -14.78 29.17 -13.08
CA VAL C 210 -13.78 28.23 -13.61
CA VAL C 210 -13.79 28.20 -13.55
C VAL C 210 -14.42 26.86 -13.74
C VAL C 210 -14.49 26.87 -13.75
N TRP C 211 -14.23 26.23 -14.89
CA TRP C 211 -14.76 24.90 -15.18
C TRP C 211 -13.58 23.95 -15.21
N PHE C 212 -13.54 23.03 -14.24
CA PHE C 212 -12.54 21.98 -14.24
C PHE C 212 -13.00 20.85 -15.14
N PHE C 213 -12.04 20.16 -15.77
CA PHE C 213 -12.36 19.04 -16.64
C PHE C 213 -11.31 17.94 -16.53
N ALA C 214 -11.77 16.72 -16.78
CA ALA C 214 -10.89 15.55 -16.88
C ALA C 214 -11.57 14.60 -17.85
N MET C 215 -10.86 14.20 -18.90
CA MET C 215 -11.39 13.27 -19.87
C MET C 215 -10.38 12.16 -20.10
N ASN C 216 -10.90 10.96 -20.38
CA ASN C 216 -10.05 9.93 -20.93
C ASN C 216 -10.85 9.15 -21.96
N MET C 217 -10.12 8.48 -22.85
CA MET C 217 -10.74 7.77 -23.96
C MET C 217 -9.81 6.64 -24.40
N ASP C 218 -10.42 5.58 -24.93
CA ASP C 218 -9.63 4.47 -25.47
C ASP C 218 -8.79 4.98 -26.64
N MET C 219 -7.55 4.51 -26.71
CA MET C 219 -6.56 5.01 -27.67
C MET C 219 -5.74 3.84 -28.19
N PRO C 220 -6.34 2.98 -29.02
CA PRO C 220 -5.60 1.82 -29.54
C PRO C 220 -4.41 2.20 -30.42
N THR C 221 -4.42 3.38 -31.02
CA THR C 221 -3.34 3.85 -31.86
C THR C 221 -3.15 5.34 -31.61
N SER C 222 -1.93 5.82 -31.87
CA SER C 222 -1.64 7.23 -31.69
C SER C 222 -2.39 8.13 -32.67
N ASP C 223 -3.08 7.53 -33.66
CA ASP C 223 -3.77 8.33 -34.67
C ASP C 223 -4.86 9.21 -34.08
N GLY C 224 -5.44 8.80 -32.96
CA GLY C 224 -6.54 9.53 -32.37
C GLY C 224 -6.19 10.52 -31.30
N LEU C 225 -4.89 10.82 -31.08
CA LEU C 225 -4.53 11.62 -29.93
C LEU C 225 -5.20 12.99 -29.97
N GLY C 226 -5.34 13.57 -31.16
CA GLY C 226 -5.97 14.88 -31.28
C GLY C 226 -7.42 14.89 -30.85
N LEU C 227 -8.05 13.73 -30.76
CA LEU C 227 -9.43 13.69 -30.30
C LEU C 227 -9.55 14.04 -28.82
N ARG C 228 -8.48 13.89 -28.05
CA ARG C 228 -8.55 14.21 -26.63
C ARG C 228 -9.03 15.63 -26.43
N GLN C 229 -8.41 16.58 -27.14
CA GLN C 229 -8.80 17.98 -27.03
C GLN C 229 -10.07 18.27 -27.84
N ALA C 230 -10.22 17.63 -29.00
CA ALA C 230 -11.33 17.97 -29.87
C ALA C 230 -12.67 17.56 -29.25
N ILE C 231 -12.75 16.37 -28.69
CA ILE C 231 -14.00 15.93 -28.07
C ILE C 231 -14.32 16.81 -26.86
N THR C 232 -13.31 17.03 -26.01
CA THR C 232 -13.51 17.90 -24.85
C THR C 232 -14.08 19.24 -25.29
N LYS C 233 -13.49 19.85 -26.32
CA LYS C 233 -13.95 21.16 -26.76
C LYS C 233 -15.35 21.12 -27.36
N GLU C 234 -15.73 19.99 -27.98
CA GLU C 234 -17.09 19.85 -28.50
C GLU C 234 -18.09 19.89 -27.35
N VAL C 235 -17.75 19.25 -26.23
CA VAL C 235 -18.60 19.31 -25.04
C VAL C 235 -18.63 20.73 -24.48
N LEU C 236 -17.46 21.36 -24.37
CA LEU C 236 -17.43 22.72 -23.84
C LEU C 236 -18.28 23.65 -24.69
N LYS C 237 -18.19 23.51 -26.03
CA LYS C 237 -19.00 24.32 -26.92
C LYS C 237 -20.48 24.02 -26.75
N GLN C 238 -20.85 22.73 -26.67
CA GLN C 238 -22.25 22.38 -26.50
C GLN C 238 -22.82 23.01 -25.23
N GLU C 239 -22.06 23.00 -24.15
CA GLU C 239 -22.49 23.59 -22.90
C GLU C 239 -22.29 25.11 -22.82
N LYS C 240 -21.97 25.77 -23.93
CA LYS C 240 -21.84 27.23 -23.97
C LYS C 240 -20.78 27.73 -23.00
N ILE C 241 -19.78 26.91 -22.68
CA ILE C 241 -18.69 27.36 -21.82
C ILE C 241 -17.65 28.13 -22.63
N ILE C 242 -17.38 27.69 -23.85
CA ILE C 242 -16.53 28.43 -24.78
C ILE C 242 -17.32 28.65 -26.05
N PRO C 243 -17.00 29.69 -26.84
CA PRO C 243 -17.70 29.93 -28.10
C PRO C 243 -17.51 28.81 -29.12
N GLU D 2 -5.02 21.32 33.06
CA GLU D 2 -3.63 21.74 32.93
C GLU D 2 -2.99 21.23 31.64
N TRP D 3 -3.50 20.12 31.13
CA TRP D 3 -3.05 19.56 29.86
C TRP D 3 -4.26 19.28 28.99
N GLN D 4 -4.18 19.71 27.73
CA GLN D 4 -5.24 19.49 26.76
C GLN D 4 -4.63 18.82 25.54
N GLU D 5 -5.36 17.85 25.00
CA GLU D 5 -4.90 17.08 23.86
C GLU D 5 -5.64 17.59 22.63
N ASN D 6 -4.88 17.93 21.59
CA ASN D 6 -5.43 18.40 20.32
C ASN D 6 -4.95 17.46 19.24
N LYS D 7 -5.75 16.44 18.93
CA LYS D 7 -5.30 15.44 17.98
C LYS D 7 -5.24 15.97 16.56
N SER D 8 -5.79 17.17 16.30
CA SER D 8 -5.73 17.72 14.96
C SER D 8 -4.30 18.02 14.52
N TRP D 9 -3.38 18.23 15.47
CA TRP D 9 -1.99 18.41 15.10
C TRP D 9 -1.40 17.13 14.49
N ASN D 10 -2.02 15.97 14.73
CA ASN D 10 -1.52 14.72 14.15
C ASN D 10 -1.45 14.81 12.64
N ALA D 11 -2.32 15.62 12.02
CA ALA D 11 -2.29 15.75 10.57
C ALA D 11 -0.92 16.25 10.10
N HIS D 12 -0.26 17.06 10.91
CA HIS D 12 1.06 17.57 10.53
C HIS D 12 2.09 16.46 10.46
N PHE D 13 1.93 15.40 11.27
CA PHE D 13 2.84 14.26 11.19
C PHE D 13 2.42 13.28 10.08
N THR D 14 1.12 12.95 10.01
CA THR D 14 0.66 11.97 9.03
C THR D 14 0.88 12.45 7.59
N GLU D 15 0.82 13.77 7.36
CA GLU D 15 1.17 14.30 6.05
C GLU D 15 2.46 13.67 5.54
N HIS D 16 3.45 13.52 6.42
CA HIS D 16 4.78 13.03 6.04
C HIS D 16 4.98 11.57 6.40
N LYS D 17 3.88 10.83 6.58
CA LYS D 17 3.96 9.42 6.98
C LYS D 17 4.92 9.26 8.16
N SER D 18 4.82 10.16 9.13
CA SER D 18 5.67 10.13 10.30
C SER D 18 4.83 10.12 11.55
N GLN D 19 5.50 9.85 12.67
CA GLN D 19 4.84 9.84 13.97
C GLN D 19 5.70 10.62 14.95
N GLY D 20 5.05 11.31 15.87
CA GLY D 20 5.79 12.14 16.79
C GLY D 20 4.84 12.91 17.69
N VAL D 21 5.43 13.80 18.47
CA VAL D 21 4.68 14.59 19.43
C VAL D 21 5.19 16.03 19.41
N VAL D 22 4.27 16.98 19.52
CA VAL D 22 4.60 18.36 19.82
C VAL D 22 3.95 18.68 21.16
N VAL D 23 4.70 19.30 22.06
CA VAL D 23 4.23 19.75 23.35
C VAL D 23 4.50 21.25 23.45
N LEU D 24 3.45 22.01 23.75
CA LEU D 24 3.53 23.45 23.97
C LEU D 24 3.09 23.78 25.39
N TRP D 25 3.72 24.80 25.97
CA TRP D 25 3.37 25.30 27.29
C TRP D 25 3.27 26.82 27.25
N ASN D 26 2.08 27.32 27.58
CA ASN D 26 1.78 28.74 27.63
C ASN D 26 2.18 29.24 29.02
N GLU D 27 3.28 30.01 29.09
CA GLU D 27 3.82 30.40 30.40
C GLU D 27 2.87 31.31 31.17
N ASN D 28 2.26 32.30 30.48
CA ASN D 28 1.38 33.20 31.20
C ASN D 28 0.23 32.43 31.84
N LYS D 29 -0.39 31.52 31.10
CA LYS D 29 -1.55 30.81 31.61
C LYS D 29 -1.25 29.51 32.32
N GLN D 30 0.00 29.04 32.32
CA GLN D 30 0.36 27.80 32.98
C GLN D 30 -0.52 26.65 32.47
N GLN D 31 -0.59 26.53 31.16
CA GLN D 31 -1.38 25.49 30.49
C GLN D 31 -0.55 24.85 29.39
N GLY D 32 -0.70 23.54 29.25
CA GLY D 32 0.02 22.78 28.26
C GLY D 32 -0.89 22.19 27.21
N PHE D 33 -0.34 21.93 26.02
CA PHE D 33 -1.08 21.42 24.89
C PHE D 33 -0.21 20.45 24.12
N THR D 34 -0.81 19.36 23.66
CA THR D 34 -0.07 18.39 22.87
C THR D 34 -1.04 17.59 21.99
N ASN D 35 -0.48 16.98 20.95
CA ASN D 35 -1.27 16.07 20.12
C ASN D 35 -1.37 14.65 20.71
N ASN D 36 -0.51 14.29 21.67
CA ASN D 36 -0.42 12.90 22.13
C ASN D 36 0.10 12.93 23.56
N LEU D 37 -0.80 12.87 24.53
CA LEU D 37 -0.43 12.93 25.94
C LEU D 37 0.52 11.81 26.32
N LYS D 38 0.33 10.61 25.76
CA LYS D 38 1.19 9.48 26.09
C LYS D 38 2.63 9.73 25.66
N ARG D 39 2.84 10.03 24.38
CA ARG D 39 4.20 10.21 23.89
C ARG D 39 4.83 11.46 24.48
N ALA D 40 4.03 12.45 24.85
CA ALA D 40 4.57 13.65 25.50
C ALA D 40 5.33 13.29 26.78
N ASN D 41 4.97 12.16 27.40
CA ASN D 41 5.61 11.69 28.62
C ASN D 41 6.48 10.47 28.37
N GLN D 42 6.72 10.11 27.12
CA GLN D 42 7.63 9.00 26.84
C GLN D 42 9.06 9.49 26.87
N ALA D 43 9.93 8.76 27.57
CA ALA D 43 11.30 9.21 27.79
C ALA D 43 12.21 8.58 26.74
N PHE D 44 13.02 9.41 26.08
CA PHE D 44 13.98 8.98 25.06
C PHE D 44 15.39 9.44 25.39
N LEU D 45 16.36 8.89 24.68
CA LEU D 45 17.69 9.46 24.71
C LEU D 45 17.59 10.94 24.28
N PRO D 46 18.27 11.86 24.96
CA PRO D 46 18.23 13.27 24.55
C PRO D 46 19.08 13.62 23.33
N ALA D 47 20.12 12.82 23.05
CA ALA D 47 21.11 13.07 21.98
C ALA D 47 21.55 14.53 22.12
N SER D 48 21.63 15.31 21.04
CA SER D 48 22.28 16.59 21.14
C SER D 48 21.49 17.64 21.92
N THR D 49 20.23 17.36 22.31
CA THR D 49 19.57 18.28 23.23
C THR D 49 20.29 18.33 24.57
N PHE D 50 21.13 17.33 24.86
CA PHE D 50 21.90 17.30 26.11
C PHE D 50 22.98 18.37 26.11
N KCX D 51 23.25 18.97 24.95
CA KCX D 51 24.24 20.03 24.89
CB KCX D 51 24.50 20.44 23.44
CG KCX D 51 25.28 19.34 22.67
CD KCX D 51 25.83 19.78 21.29
CE KCX D 51 26.76 18.67 20.66
NZ KCX D 51 26.02 17.39 20.43
C KCX D 51 23.83 21.23 25.77
O KCX D 51 24.70 22.03 26.17
CX KCX D 51 26.13 16.32 21.22
OQ1 KCX D 51 25.46 15.30 20.99
OQ2 KCX D 51 26.91 16.32 22.18
H KCX D 51 22.88 18.77 24.20
HA KCX D 51 25.09 19.69 25.26
HB2 KCX D 51 25.03 21.25 23.42
HG2 KCX D 51 26.04 19.05 23.21
HD2 KCX D 51 25.09 19.93 20.69
HE2 KCX D 51 27.50 18.49 21.27
N ILE D 52 22.54 21.35 26.08
CA ILE D 52 22.09 22.43 26.96
C ILE D 52 22.62 22.21 28.39
N PRO D 53 22.25 21.11 29.07
CA PRO D 53 22.81 20.90 30.41
C PRO D 53 24.33 20.74 30.40
N ASN D 54 24.88 20.08 29.38
CA ASN D 54 26.33 19.91 29.31
C ASN D 54 27.05 21.26 29.26
N SER D 55 26.53 22.21 28.47
CA SER D 55 27.09 23.57 28.41
C SER D 55 27.01 24.26 29.76
N LEU D 56 25.84 24.20 30.41
CA LEU D 56 25.66 24.81 31.72
C LEU D 56 26.70 24.28 32.70
N ILE D 57 26.91 22.97 32.71
CA ILE D 57 27.81 22.36 33.66
C ILE D 57 29.24 22.76 33.37
N ALA D 58 29.64 22.70 32.10
CA ALA D 58 31.00 23.06 31.73
C ALA D 58 31.32 24.51 32.11
N LEU D 59 30.38 25.42 31.87
CA LEU D 59 30.61 26.83 32.21
C LEU D 59 30.70 27.01 33.71
N ASP D 60 29.78 26.39 34.46
CA ASP D 60 29.75 26.67 35.88
C ASP D 60 30.97 26.10 36.58
N LEU D 61 31.55 25.04 36.04
CA LEU D 61 32.77 24.46 36.58
C LEU D 61 34.03 25.10 36.03
N GLY D 62 33.92 26.00 35.06
CA GLY D 62 35.09 26.62 34.48
C GLY D 62 35.79 25.79 33.43
N VAL D 63 35.22 24.65 33.03
CA VAL D 63 35.76 23.89 31.91
C VAL D 63 35.74 24.75 30.64
N VAL D 64 34.70 25.54 30.49
CA VAL D 64 34.59 26.55 29.44
C VAL D 64 34.62 27.90 30.13
N LYS D 65 35.56 28.77 29.74
CA LYS D 65 35.72 30.07 30.41
C LYS D 65 34.62 31.04 30.00
N ASP D 66 34.34 31.15 28.71
CA ASP D 66 33.29 32.04 28.23
C ASP D 66 32.93 31.59 26.81
N GLU D 67 32.01 32.33 26.18
CA GLU D 67 31.52 31.94 24.87
C GLU D 67 32.51 32.21 23.74
N HIS D 68 33.69 32.78 24.04
CA HIS D 68 34.72 33.07 23.05
C HIS D 68 35.87 32.07 23.04
N GLN D 69 36.04 31.32 24.10
CA GLN D 69 37.14 30.36 24.18
C GLN D 69 37.09 29.39 23.00
N VAL D 70 38.24 29.20 22.36
N VAL D 70 38.25 29.17 22.38
CA VAL D 70 38.34 28.38 21.16
CA VAL D 70 38.36 28.38 21.16
C VAL D 70 38.74 26.96 21.54
C VAL D 70 38.77 26.96 21.52
N PHE D 71 38.02 25.99 21.01
CA PHE D 71 38.33 24.57 21.17
C PHE D 71 38.83 24.08 19.81
N LYS D 72 40.14 23.85 19.72
CA LYS D 72 40.75 23.53 18.45
C LYS D 72 40.35 22.16 17.94
N TRP D 73 40.18 22.08 16.62
CA TRP D 73 39.97 20.79 15.96
C TRP D 73 41.11 19.86 16.31
N ASP D 74 40.79 18.61 16.64
CA ASP D 74 41.81 17.65 17.02
C ASP D 74 42.53 17.03 15.84
N GLY D 75 42.23 17.44 14.61
CA GLY D 75 42.90 16.92 13.43
C GLY D 75 42.34 15.63 12.88
N GLN D 76 41.32 15.05 13.51
CA GLN D 76 40.69 13.84 13.00
C GLN D 76 39.53 14.23 12.09
N THR D 77 39.58 13.78 10.83
CA THR D 77 38.53 14.08 9.88
C THR D 77 37.33 13.19 10.13
N ARG D 78 36.19 13.82 10.35
CA ARG D 78 34.93 13.15 10.61
C ARG D 78 33.96 13.39 9.47
N ASP D 79 32.85 12.65 9.48
CA ASP D 79 31.91 12.66 8.37
C ASP D 79 31.14 13.97 8.26
N ILE D 80 31.15 14.79 9.30
CA ILE D 80 30.45 16.07 9.31
C ILE D 80 31.48 17.16 9.06
N ALA D 81 31.42 17.78 7.87
CA ALA D 81 32.45 18.72 7.47
C ALA D 81 32.58 19.87 8.46
N THR D 82 31.47 20.42 8.94
CA THR D 82 31.54 21.55 9.87
C THR D 82 32.18 21.18 11.21
N TRP D 83 32.34 19.90 11.50
CA TRP D 83 33.02 19.50 12.73
C TRP D 83 34.53 19.57 12.61
N ASN D 84 35.06 19.60 11.39
CA ASN D 84 36.50 19.55 11.18
C ASN D 84 37.14 20.93 11.16
N ARG D 85 36.91 21.70 12.21
CA ARG D 85 37.42 23.05 12.31
C ARG D 85 37.34 23.47 13.76
N ASP D 86 37.97 24.60 14.08
CA ASP D 86 37.91 25.16 15.41
C ASP D 86 36.51 25.68 15.71
N HIS D 87 36.15 25.67 16.99
CA HIS D 87 34.83 26.10 17.43
C HIS D 87 34.94 26.84 18.75
N ASN D 88 33.94 27.68 19.02
CA ASN D 88 33.66 28.17 20.35
C ASN D 88 32.30 27.63 20.79
N LEU D 89 31.83 28.06 21.96
CA LEU D 89 30.58 27.53 22.48
C LEU D 89 29.41 27.84 21.55
N ILE D 90 29.40 29.03 20.96
CA ILE D 90 28.31 29.42 20.07
C ILE D 90 28.28 28.52 18.84
N THR D 91 29.43 28.40 18.16
CA THR D 91 29.44 27.62 16.93
C THR D 91 29.34 26.13 17.24
N ALA D 92 29.83 25.70 18.39
CA ALA D 92 29.72 24.30 18.76
C ALA D 92 28.26 23.90 18.94
N MET D 93 27.44 24.78 19.50
N MET D 93 27.46 24.78 19.54
CA MET D 93 26.02 24.44 19.63
CA MET D 93 26.02 24.53 19.65
C MET D 93 25.30 24.58 18.30
C MET D 93 25.36 24.56 18.28
N LYS D 94 25.68 25.59 17.49
CA LYS D 94 25.06 25.79 16.19
C LYS D 94 25.21 24.57 15.30
N TYR D 95 26.41 24.02 15.24
CA TYR D 95 26.70 22.89 14.36
C TYR D 95 26.68 21.57 15.11
N SER D 96 26.23 21.58 16.36
CA SER D 96 26.00 20.37 17.13
C SER D 96 27.24 19.47 17.12
N VAL D 97 28.37 20.06 17.53
CA VAL D 97 29.69 19.44 17.40
C VAL D 97 29.93 18.45 18.54
N VAL D 98 29.56 17.19 18.30
CA VAL D 98 29.69 16.15 19.32
C VAL D 98 31.09 16.08 19.92
N PRO D 99 32.18 16.00 19.15
CA PRO D 99 33.50 15.80 19.77
C PRO D 99 33.92 16.92 20.71
N VAL D 100 33.46 18.15 20.49
CA VAL D 100 33.79 19.21 21.43
C VAL D 100 33.14 18.92 22.78
N TYR D 101 31.87 18.51 22.76
CA TYR D 101 31.13 18.24 23.98
C TYR D 101 31.56 16.94 24.65
N GLN D 102 32.10 16.00 23.88
CA GLN D 102 32.71 14.83 24.52
C GLN D 102 33.91 15.24 25.34
N GLU D 103 34.72 16.17 24.82
CA GLU D 103 35.85 16.66 25.61
C GLU D 103 35.37 17.37 26.88
N PHE D 104 34.31 18.19 26.78
CA PHE D 104 33.73 18.79 27.98
C PHE D 104 33.39 17.71 29.01
N ALA D 105 32.66 16.69 28.58
CA ALA D 105 32.15 15.68 29.50
C ALA D 105 33.30 14.96 30.21
N ARG D 106 34.37 14.64 29.49
CA ARG D 106 35.52 13.99 30.11
C ARG D 106 36.14 14.89 31.19
N GLN D 107 36.20 16.20 30.94
CA GLN D 107 36.78 17.10 31.92
C GLN D 107 35.85 17.29 33.11
N ILE D 108 34.54 17.30 32.87
CA ILE D 108 33.58 17.34 33.97
C ILE D 108 33.74 16.13 34.87
N GLY D 109 33.74 14.94 34.28
CA GLY D 109 33.92 13.70 35.03
C GLY D 109 32.60 13.13 35.52
N GLU D 110 32.59 11.80 35.69
CA GLU D 110 31.39 11.08 36.06
C GLU D 110 30.73 11.64 37.32
N ALA D 111 31.52 11.84 38.38
CA ALA D 111 30.95 12.22 39.68
C ALA D 111 30.26 13.58 39.60
N ARG D 112 30.92 14.57 39.02
CA ARG D 112 30.30 15.89 38.96
C ARG D 112 29.11 15.92 38.00
N MET D 113 29.18 15.16 36.90
CA MET D 113 28.08 15.12 35.96
C MET D 113 26.83 14.55 36.63
N SER D 114 27.00 13.45 37.35
CA SER D 114 25.88 12.83 38.05
C SER D 114 25.26 13.78 39.06
N LYS D 115 26.09 14.43 39.89
CA LYS D 115 25.55 15.34 40.89
C LYS D 115 24.77 16.47 40.24
N MET D 116 25.31 17.04 39.16
N MET D 116 25.27 17.02 39.14
CA MET D 116 24.66 18.16 38.49
CA MET D 116 24.62 18.18 38.54
C MET D 116 23.29 17.76 37.95
C MET D 116 23.30 17.80 37.88
N LEU D 117 23.22 16.63 37.26
CA LEU D 117 21.95 16.21 36.67
C LEU D 117 20.90 15.94 37.73
N HIS D 118 21.33 15.44 38.90
CA HIS D 118 20.41 15.34 40.02
C HIS D 118 19.97 16.73 40.47
N ALA D 119 20.91 17.66 40.56
CA ALA D 119 20.55 19.02 40.94
C ALA D 119 19.57 19.62 39.95
N PHE D 120 19.73 19.30 38.66
CA PHE D 120 18.82 19.78 37.62
C PHE D 120 17.49 19.02 37.57
N ASP D 121 17.35 17.92 38.30
CA ASP D 121 16.13 17.09 38.19
C ASP D 121 15.91 16.66 36.73
N TYR D 122 16.99 16.31 36.04
CA TYR D 122 16.98 16.14 34.60
C TYR D 122 16.62 14.70 34.22
N GLY D 123 15.44 14.52 33.65
CA GLY D 123 15.08 13.20 33.13
C GLY D 123 15.16 12.16 34.22
N ASN D 124 15.69 10.99 33.85
CA ASN D 124 15.83 9.91 34.83
C ASN D 124 17.14 9.99 35.59
N GLU D 125 17.97 11.01 35.33
CA GLU D 125 19.18 11.28 36.11
C GLU D 125 20.20 10.14 36.07
N ASP D 126 20.17 9.30 35.03
CA ASP D 126 20.99 8.08 34.94
C ASP D 126 22.06 8.29 33.86
N ILE D 127 23.32 8.39 34.26
CA ILE D 127 24.42 8.62 33.31
C ILE D 127 25.17 7.33 32.99
N SER D 128 24.57 6.16 33.25
CA SER D 128 25.25 4.90 33.01
C SER D 128 25.76 4.81 31.58
N GLY D 129 26.99 4.33 31.44
CA GLY D 129 27.64 4.27 30.14
C GLY D 129 28.94 5.04 30.14
N ASN D 130 29.45 5.37 28.96
CA ASN D 130 30.67 6.17 28.87
C ASN D 130 30.37 7.60 29.27
N VAL D 131 31.27 8.19 30.07
CA VAL D 131 31.04 9.56 30.53
C VAL D 131 30.91 10.50 29.34
N ASP D 132 31.53 10.16 28.21
CA ASP D 132 31.52 11.01 27.03
C ASP D 132 30.59 10.51 25.92
N SER D 133 29.65 9.61 26.23
CA SER D 133 28.66 9.25 25.22
C SER D 133 27.31 8.81 25.78
N PHE D 134 27.06 8.93 27.08
CA PHE D 134 25.85 8.36 27.66
C PHE D 134 24.59 9.03 27.13
N TRP D 135 24.66 10.30 26.72
CA TRP D 135 23.48 10.96 26.15
C TRP D 135 23.19 10.51 24.72
N LEU D 136 24.09 9.75 24.12
CA LEU D 136 23.93 9.18 22.79
C LEU D 136 23.69 7.69 22.79
N ASP D 137 24.26 6.94 23.75
CA ASP D 137 24.04 5.50 23.77
C ASP D 137 24.09 4.90 25.18
N GLY D 138 23.90 5.70 26.21
CA GLY D 138 23.87 5.23 27.59
C GLY D 138 22.47 5.14 28.14
N GLY D 139 22.35 5.27 29.46
CA GLY D 139 21.11 5.03 30.16
C GLY D 139 20.22 6.22 30.41
N ILE D 140 20.62 7.43 30.04
CA ILE D 140 19.83 8.61 30.37
C ILE D 140 18.64 8.70 29.44
N ARG D 141 17.50 9.13 29.99
CA ARG D 141 16.25 9.24 29.26
C ARG D 141 15.49 10.45 29.77
N ILE D 142 14.80 11.13 28.85
CA ILE D 142 14.01 12.32 29.19
C ILE D 142 12.82 12.41 28.25
N SER D 143 11.68 12.84 28.76
CA SER D 143 10.46 13.03 27.98
C SER D 143 10.36 14.49 27.53
N ALA D 144 9.45 14.73 26.58
CA ALA D 144 9.21 16.09 26.11
C ALA D 144 8.68 16.99 27.23
N THR D 145 7.77 16.48 28.07
CA THR D 145 7.29 17.32 29.17
C THR D 145 8.41 17.61 30.17
N GLU D 146 9.32 16.65 30.38
CA GLU D 146 10.47 16.89 31.26
C GLU D 146 11.44 17.90 30.66
N GLN D 147 11.61 17.90 29.33
CA GLN D 147 12.42 18.93 28.68
C GLN D 147 11.85 20.30 28.97
N ILE D 148 10.52 20.44 28.85
CA ILE D 148 9.91 21.74 29.10
C ILE D 148 10.12 22.17 30.55
N SER D 149 9.91 21.24 31.49
N SER D 149 9.90 21.24 31.49
CA SER D 149 10.13 21.56 32.90
CA SER D 149 10.13 21.55 32.89
C SER D 149 11.53 22.10 33.11
C SER D 149 11.53 22.10 33.10
N PHE D 150 12.52 21.46 32.48
CA PHE D 150 13.91 21.88 32.60
C PHE D 150 14.16 23.24 31.95
N LEU D 151 13.61 23.45 30.75
CA LEU D 151 13.80 24.72 30.06
C LEU D 151 13.16 25.87 30.81
N ARG D 152 12.02 25.62 31.46
CA ARG D 152 11.39 26.68 32.24
C ARG D 152 12.31 27.15 33.35
N LYS D 153 13.00 26.22 34.02
CA LYS D 153 13.96 26.63 35.03
C LYS D 153 15.07 27.46 34.42
N LEU D 154 15.59 27.02 33.26
CA LEU D 154 16.65 27.78 32.60
C LEU D 154 16.18 29.18 32.23
N TYR D 155 14.96 29.28 31.67
CA TYR D 155 14.44 30.58 31.27
C TYR D 155 14.40 31.55 32.45
N HIS D 156 13.98 31.07 33.62
CA HIS D 156 13.83 31.89 34.81
C HIS D 156 15.11 31.96 35.65
N ASN D 157 16.22 31.40 35.15
CA ASN D 157 17.50 31.37 35.87
C ASN D 157 17.39 30.64 37.20
N LYS D 158 16.56 29.60 37.25
CA LYS D 158 16.31 28.87 38.49
C LYS D 158 17.10 27.56 38.58
N LEU D 159 17.92 27.23 37.59
CA LEU D 159 18.76 26.05 37.74
C LEU D 159 19.88 26.34 38.73
N HIS D 160 20.41 25.28 39.33
CA HIS D 160 21.42 25.42 40.39
C HIS D 160 22.84 25.52 39.82
N VAL D 161 22.98 26.51 38.95
CA VAL D 161 24.25 27.04 38.50
C VAL D 161 24.13 28.57 38.53
N SER D 162 25.22 29.26 38.22
CA SER D 162 25.19 30.72 38.35
C SER D 162 24.26 31.33 37.31
N GLU D 163 23.77 32.54 37.60
CA GLU D 163 23.00 33.28 36.62
C GLU D 163 23.81 33.48 35.34
N ARG D 164 25.10 33.79 35.48
CA ARG D 164 25.97 33.99 34.32
C ARG D 164 25.99 32.75 33.42
N SER D 165 26.17 31.56 34.00
CA SER D 165 26.20 30.36 33.16
C SER D 165 24.90 30.19 32.40
N GLN D 166 23.78 30.43 33.06
CA GLN D 166 22.48 30.28 32.38
C GLN D 166 22.32 31.34 31.29
N ARG D 167 22.73 32.57 31.55
CA ARG D 167 22.63 33.59 30.50
C ARG D 167 23.47 33.21 29.26
N ILE D 168 24.68 32.69 29.47
CA ILE D 168 25.54 32.36 28.33
C ILE D 168 24.92 31.23 27.51
N VAL D 169 24.40 30.20 28.18
CA VAL D 169 23.80 29.10 27.43
C VAL D 169 22.58 29.58 26.65
N LYS D 170 21.76 30.45 27.25
CA LYS D 170 20.61 30.97 26.50
C LYS D 170 21.05 31.81 25.31
N GLN D 171 22.17 32.52 25.42
CA GLN D 171 22.74 33.18 24.25
C GLN D 171 23.13 32.16 23.19
N ALA D 172 23.82 31.09 23.60
CA ALA D 172 24.23 30.05 22.65
C ALA D 172 23.06 29.30 22.03
N MET D 173 21.89 29.31 22.66
CA MET D 173 20.71 28.67 22.10
C MET D 173 20.00 29.51 21.05
N LEU D 174 20.41 30.77 20.85
CA LEU D 174 19.73 31.64 19.90
C LEU D 174 19.69 31.00 18.52
N THR D 175 18.50 30.84 18.00
CA THR D 175 18.29 30.19 16.71
C THR D 175 17.68 31.11 15.68
N GLU D 176 16.69 31.91 16.06
CA GLU D 176 16.02 32.79 15.10
C GLU D 176 15.49 34.01 15.83
N ALA D 177 15.56 35.16 15.18
CA ALA D 177 15.03 36.38 15.74
C ALA D 177 14.61 37.31 14.61
N ASN D 178 13.41 37.89 14.77
CA ASN D 178 12.90 38.88 13.86
C ASN D 178 11.96 39.80 14.65
N GLY D 179 11.25 40.67 13.95
CA GLY D 179 10.34 41.61 14.60
C GLY D 179 9.14 40.96 15.26
N ASP D 180 8.89 39.69 14.97
CA ASP D 180 7.71 38.99 15.46
C ASP D 180 7.99 38.07 16.62
N TYR D 181 9.16 37.44 16.65
CA TYR D 181 9.47 36.49 17.72
C TYR D 181 10.96 36.23 17.76
N ILE D 182 11.37 35.61 18.86
CA ILE D 182 12.71 35.08 19.07
C ILE D 182 12.55 33.61 19.44
N ILE D 183 13.38 32.74 18.85
CA ILE D 183 13.41 31.32 19.21
C ILE D 183 14.79 31.00 19.76
N ARG D 184 14.81 30.44 20.96
CA ARG D 184 16.00 29.83 21.56
C ARG D 184 15.69 28.34 21.69
N ALA D 185 16.55 27.50 21.11
CA ALA D 185 16.22 26.09 20.97
C ALA D 185 17.50 25.29 20.72
N LYS D 186 17.35 23.97 20.76
CA LYS D 186 18.43 23.05 20.42
C LYS D 186 17.83 21.83 19.74
N THR D 187 18.43 21.43 18.62
CA THR D 187 18.02 20.20 17.95
C THR D 187 18.73 18.98 18.54
N GLY D 188 18.14 17.82 18.28
CA GLY D 188 18.78 16.55 18.60
C GLY D 188 18.45 15.51 17.56
N TYR D 189 19.36 14.55 17.42
CA TYR D 189 19.22 13.47 16.44
C TYR D 189 19.83 12.23 17.09
N SER D 190 18.99 11.28 17.48
CA SER D 190 19.43 10.07 18.18
C SER D 190 19.43 8.90 17.21
N THR D 191 20.62 8.37 16.91
CA THR D 191 20.75 7.29 15.93
C THR D 191 21.45 6.05 16.44
N ARG D 192 22.07 6.08 17.62
CA ARG D 192 22.89 4.95 18.05
C ARG D 192 22.07 3.82 18.65
N ILE D 193 20.89 4.12 19.19
CA ILE D 193 20.03 3.11 19.82
C ILE D 193 18.61 3.32 19.30
N GLU D 194 17.95 2.23 18.93
CA GLU D 194 16.59 2.36 18.43
C GLU D 194 15.67 2.81 19.57
N PRO D 195 14.60 3.55 19.26
CA PRO D 195 14.21 4.01 17.93
C PRO D 195 14.96 5.29 17.53
N LYS D 196 15.34 5.43 16.27
CA LYS D 196 15.95 6.66 15.81
C LYS D 196 14.92 7.78 15.83
N ILE D 197 15.26 8.89 16.46
CA ILE D 197 14.33 9.99 16.61
C ILE D 197 15.04 11.32 16.42
N GLY D 198 14.24 12.34 16.12
CA GLY D 198 14.72 13.71 16.13
C GLY D 198 14.00 14.50 17.21
N TRP D 199 14.72 15.47 17.78
CA TRP D 199 14.23 16.39 18.79
C TRP D 199 14.34 17.82 18.30
N TRP D 200 13.45 18.68 18.81
CA TRP D 200 13.64 20.13 18.87
C TRP D 200 12.98 20.64 20.14
N VAL D 201 13.75 21.30 21.00
CA VAL D 201 13.25 21.80 22.27
C VAL D 201 13.72 23.24 22.49
N GLY D 202 12.87 24.05 23.11
CA GLY D 202 13.23 25.46 23.33
C GLY D 202 12.01 26.27 23.69
N TRP D 203 12.04 27.54 23.28
CA TRP D 203 10.90 28.40 23.53
C TRP D 203 10.85 29.53 22.51
N VAL D 204 9.66 30.09 22.39
CA VAL D 204 9.36 31.23 21.52
C VAL D 204 9.05 32.40 22.43
N GLU D 205 9.87 33.46 22.34
CA GLU D 205 9.64 34.70 23.06
C GLU D 205 8.78 35.63 22.21
N LEU D 206 7.66 36.07 22.77
CA LEU D 206 6.81 37.10 22.20
C LEU D 206 6.92 38.34 23.08
N ASP D 207 6.27 39.42 22.64
CA ASP D 207 6.30 40.67 23.38
C ASP D 207 5.82 40.47 24.83
N ASP D 208 4.75 39.71 25.03
CA ASP D 208 4.10 39.65 26.34
C ASP D 208 3.85 38.23 26.84
N ASN D 209 4.52 37.22 26.29
CA ASN D 209 4.35 35.84 26.71
C ASN D 209 5.50 35.03 26.17
N VAL D 210 5.64 33.81 26.67
N VAL D 210 5.65 33.81 26.70
CA VAL D 210 6.64 32.88 26.17
CA VAL D 210 6.64 32.86 26.23
C VAL D 210 6.01 31.51 26.05
C VAL D 210 5.95 31.52 26.05
N TRP D 211 6.20 30.87 24.90
CA TRP D 211 5.70 29.53 24.64
C TRP D 211 6.89 28.58 24.62
N PHE D 212 6.94 27.69 25.60
CA PHE D 212 7.93 26.64 25.61
C PHE D 212 7.45 25.50 24.73
N PHE D 213 8.39 24.82 24.08
CA PHE D 213 8.03 23.70 23.22
C PHE D 213 9.06 22.58 23.31
N ALA D 214 8.57 21.37 23.07
CA ALA D 214 9.42 20.18 22.96
C ALA D 214 8.73 19.23 22.01
N MET D 215 9.44 18.81 20.98
CA MET D 215 8.90 17.88 20.00
C MET D 215 9.91 16.78 19.74
N ASN D 216 9.40 15.57 19.49
CA ASN D 216 10.25 14.54 18.93
C ASN D 216 9.44 13.74 17.91
N MET D 217 10.17 13.07 17.02
CA MET D 217 9.52 12.35 15.93
C MET D 217 10.44 11.21 15.49
N ASP D 218 9.84 10.16 14.95
CA ASP D 218 10.63 9.06 14.40
C ASP D 218 11.43 9.58 13.20
N MET D 219 12.67 9.11 13.08
CA MET D 219 13.62 9.63 12.10
C MET D 219 14.43 8.48 11.53
N PRO D 220 13.80 7.64 10.70
CA PRO D 220 14.52 6.49 10.11
C PRO D 220 15.68 6.89 9.20
N THR D 221 15.67 8.10 8.64
CA THR D 221 16.72 8.57 7.76
C THR D 221 16.96 10.04 8.03
N SER D 222 18.18 10.49 7.72
CA SER D 222 18.54 11.90 7.90
C SER D 222 17.80 12.81 6.94
N ASP D 223 17.12 12.25 5.94
CA ASP D 223 16.41 13.07 4.97
C ASP D 223 15.28 13.87 5.60
N GLY D 224 14.75 13.42 6.74
CA GLY D 224 13.63 14.08 7.36
C GLY D 224 13.98 15.08 8.44
N LEU D 225 15.26 15.41 8.61
CA LEU D 225 15.66 16.24 9.75
C LEU D 225 14.99 17.60 9.73
N GLY D 226 14.77 18.19 8.55
CA GLY D 226 14.13 19.49 8.47
C GLY D 226 12.72 19.51 9.01
N LEU D 227 12.07 18.36 9.10
CA LEU D 227 10.70 18.32 9.63
C LEU D 227 10.64 18.65 11.11
N ARG D 228 11.75 18.55 11.83
CA ARG D 228 11.75 18.87 13.24
C ARG D 228 11.29 20.32 13.45
N GLN D 229 11.89 21.25 12.72
CA GLN D 229 11.52 22.65 12.82
C GLN D 229 10.25 22.95 12.02
N ALA D 230 10.09 22.33 10.84
CA ALA D 230 8.95 22.63 9.97
C ALA D 230 7.64 22.20 10.61
N ILE D 231 7.58 20.99 11.18
CA ILE D 231 6.33 20.55 11.81
C ILE D 231 6.03 21.42 13.03
N THR D 232 7.03 21.68 13.86
CA THR D 232 6.81 22.54 15.02
C THR D 232 6.23 23.88 14.58
N LYS D 233 6.81 24.47 13.53
CA LYS D 233 6.36 25.80 13.11
C LYS D 233 4.95 25.77 12.53
N GLU D 234 4.55 24.67 11.88
CA GLU D 234 3.18 24.55 11.42
C GLU D 234 2.19 24.53 12.60
N VAL D 235 2.55 23.87 13.70
CA VAL D 235 1.68 23.90 14.86
C VAL D 235 1.61 25.31 15.43
N LEU D 236 2.77 25.96 15.59
CA LEU D 236 2.80 27.33 16.11
C LEU D 236 1.94 28.26 15.26
N LYS D 237 2.05 28.13 13.93
CA LYS D 237 1.21 28.93 13.04
C LYS D 237 -0.26 28.59 13.20
N GLN D 238 -0.59 27.31 13.29
CA GLN D 238 -2.00 26.92 13.45
C GLN D 238 -2.61 27.53 14.70
N GLU D 239 -1.85 27.54 15.80
CA GLU D 239 -2.30 28.10 17.06
C GLU D 239 -2.10 29.62 17.15
N LYS D 240 -1.78 30.28 16.04
CA LYS D 240 -1.68 31.75 16.01
C LYS D 240 -0.63 32.27 16.98
N ILE D 241 0.39 31.46 17.27
CA ILE D 241 1.50 31.92 18.09
C ILE D 241 2.52 32.70 17.27
N ILE D 242 2.79 32.25 16.04
CA ILE D 242 3.63 33.02 15.13
C ILE D 242 2.85 33.22 13.85
N PRO D 243 3.19 34.27 13.07
CA PRO D 243 2.51 34.52 11.79
C PRO D 243 2.70 33.37 10.80
C TI7 E . 8.33 -19.59 -1.54
O TI7 E . 9.34 -19.60 -2.28
C1 TI7 E . 7.28 -18.53 -1.79
C10 TI7 E . 2.29 -17.72 -1.78
C11 TI7 E . 5.32 -16.61 -2.26
C12 TI7 E . 6.38 -16.75 -3.14
C13 TI7 E . 7.34 -17.71 -2.92
C2 TI7 E . 6.22 -18.38 -0.91
C3 TI7 E . 5.24 -17.42 -1.12
C4 TI7 E . 4.17 -17.21 -0.11
C5 TI7 E . 4.55 -16.86 1.18
C6 TI7 E . 3.61 -16.60 2.17
C7 TI7 E . 2.28 -16.67 1.86
C8 TI7 E . 1.87 -17.02 0.58
C9 TI7 E . 2.79 -17.30 -0.42
O1 TI7 E . 8.11 -20.39 -0.60
H5 TI7 E . 1.27 -17.39 -1.96
H6 TI7 E . 2.29 -18.81 -1.88
H7 TI7 E . 2.91 -17.32 -2.58
H8 TI7 E . 4.56 -15.85 -2.44
H9 TI7 E . 6.43 -16.13 -4.02
H10 TI7 E . 8.18 -17.82 -3.61
H TI7 E . 6.16 -19.03 -0.04
H1 TI7 E . 5.61 -16.81 1.44
H2 TI7 E . 3.93 -16.33 3.17
H3 TI7 E . 1.53 -16.46 2.63
H4 TI7 E . 0.80 -17.08 0.36
C TI7 F . -17.38 -13.94 7.89
O TI7 F . -16.70 -12.92 8.15
C1 TI7 F . -16.62 -15.18 7.45
C10 TI7 F . -12.75 -16.71 4.57
C11 TI7 F . -15.21 -17.42 6.63
C12 TI7 F . -16.59 -17.45 6.67
C13 TI7 F . -17.30 -16.33 7.09
C2 TI7 F . -15.23 -15.16 7.41
C3 TI7 F . -14.51 -16.27 7.00
C4 TI7 F . -13.02 -16.28 7.09
C5 TI7 F . -12.43 -16.06 8.33
C6 TI7 F . -11.06 -16.11 8.48
C7 TI7 F . -10.25 -16.38 7.41
C8 TI7 F . -10.81 -16.56 6.16
C9 TI7 F . -12.19 -16.52 5.96
O1 TI7 F . -18.64 -14.02 7.97
H5 TI7 F . -12.10 -17.33 3.96
H6 TI7 F . -12.85 -15.76 4.05
H7 TI7 F . -13.72 -17.19 4.59
H8 TI7 F . -14.66 -18.30 6.30
H9 TI7 F . -17.12 -18.35 6.38
H10 TI7 F . -18.39 -16.35 7.13
H TI7 F . -14.71 -14.25 7.70
H1 TI7 F . -13.07 -15.86 9.20
H2 TI7 F . -10.63 -15.93 9.47
H3 TI7 F . -9.18 -16.42 7.53
H4 TI7 F . -10.16 -16.76 5.30
CL CL G . -37.76 -11.05 7.37
CL CL H . -28.27 6.47 -3.80
C1 EDO I . -46.00 4.82 9.38
O1 EDO I . -45.67 6.12 8.89
C2 EDO I . -44.75 4.15 9.94
O2 EDO I . -44.16 4.96 10.94
H11 EDO I . -46.76 4.91 10.15
H12 EDO I . -46.42 4.22 8.56
HO1 EDO I . -46.46 6.55 8.53
H21 EDO I . -45.02 3.18 10.36
H22 EDO I . -44.04 3.97 9.13
HO2 EDO I . -43.38 4.52 11.30
C TI7 J . 1.47 14.19 -26.82
O TI7 J . 1.62 15.41 -26.65
C1 TI7 J . 2.72 13.36 -27.02
C10 TI7 J . 4.31 8.66 -26.45
C11 TI7 J . 4.99 11.81 -27.39
C12 TI7 J . 5.10 13.07 -26.81
C13 TI7 J . 3.96 13.84 -26.63
C2 TI7 J . 2.63 12.10 -27.60
C3 TI7 J . 3.76 11.31 -27.81
C4 TI7 J . 3.65 10.01 -28.52
C5 TI7 J . 3.29 10.05 -29.86
C6 TI7 J . 3.20 8.88 -30.59
C7 TI7 J . 3.48 7.68 -30.00
C8 TI7 J . 3.85 7.62 -28.67
C9 TI7 J . 3.93 8.78 -27.90
O1 TI7 J . 0.37 13.58 -26.84
H5 TI7 J . 5.19 8.03 -26.29
H6 TI7 J . 3.50 8.22 -25.87
H7 TI7 J . 4.53 9.63 -26.00
H8 TI7 J . 5.89 11.21 -27.53
H9 TI7 J . 6.07 13.45 -26.50
H10 TI7 J . 4.03 14.83 -26.18
H TI7 J . 1.65 11.73 -27.90
H1 TI7 J . 3.06 11.01 -30.34
H2 TI7 J . 2.91 8.93 -31.64
H3 TI7 J . 3.42 6.76 -30.59
H4 TI7 J . 4.06 6.66 -28.22
CL CL K . 0.44 32.28 -16.59
C TI7 L . 21.67 18.68 12.90
O TI7 L . 21.73 19.92 12.78
C1 TI7 L . 22.93 17.88 12.62
C10 TI7 L . 24.63 13.30 13.21
C11 TI7 L . 25.23 16.42 12.13
C12 TI7 L . 25.32 17.66 12.73
C13 TI7 L . 24.18 18.40 12.96
C2 TI7 L . 22.86 16.64 12.03
C3 TI7 L . 23.99 15.88 11.77
C4 TI7 L . 23.88 14.56 11.11
C5 TI7 L . 23.47 14.53 9.78
C6 TI7 L . 23.37 13.33 9.10
C7 TI7 L . 23.67 12.15 9.74
C8 TI7 L . 24.08 12.16 11.05
C9 TI7 L . 24.19 13.35 11.78
O1 TI7 L . 20.65 18.03 13.23
H5 TI7 L . 23.90 12.80 13.86
H6 TI7 L . 24.77 14.30 13.62
H7 TI7 L . 25.57 12.76 13.33
H8 TI7 L . 26.14 15.84 11.94
H9 TI7 L . 26.30 18.05 13.01
H10 TI7 L . 24.24 19.38 13.43
H TI7 L . 21.87 16.25 11.77
H1 TI7 L . 23.24 15.46 9.27
H2 TI7 L . 23.04 13.32 8.07
H3 TI7 L . 23.59 11.20 9.20
H4 TI7 L . 24.31 11.22 11.55
#